data_6KOG
#
_entry.id   6KOG
#
_cell.length_a   79.633
_cell.length_b   99.136
_cell.length_c   127.233
_cell.angle_alpha   90.000
_cell.angle_beta   90.000
_cell.angle_gamma   90.000
#
_symmetry.space_group_name_H-M   'P 21 21 21'
#
loop_
_entity.id
_entity.type
_entity.pdbx_description
1 polymer 'Hybrid PKS-NRPS synthetase TAS1'
2 non-polymer GLYCEROL
3 non-polymer 'SULFATE ION'
4 water water
#
_entity_poly.entity_id   1
_entity_poly.type   'polypeptide(L)'
_entity_poly.pdbx_seq_one_letter_code
;MDAERNLYAIVGISCRFPGANTAEQLWNVLMEQRDAITTFCPAENLGFALEENSVFVPRYGMIDALKDFEPSAYSMSDAE
AQTIDPQKRVFLDVAADALADAGTSASPGNPLDPVGVFVGAATNTFLSSRDNPGSKPPGDEEPQSFANHYQQLLDCPIGT
FASFKLNLTGPVVTLNTACSSALAALHLACASLSHGDCNAAVVGGVSMAYPQEGGYVTARPGGDSSAVFSPSGVCHPLDS
RADGCVPADGAAALVIKRLADARADGCRVYAVIEGVAVSADGSDDKAGLGVPSSSGQSRTVEAALRRAGPQALSRLRYVE
MHGSGTPWGDALEVQGLKMAFDRLSKTGAAEQSGTGRAQPEADRIYLGSNKGNCGNTEAASGLLSLIKASMALNLGVVPP
LPNLAEPNPKCEFEETKFEPLGKQLALAPGDRVGVTSLGYGGSNAHVVLASAQLFGVEQKAFF
;
_entity_poly.pdbx_strand_id   A,B
#
loop_
_chem_comp.id
_chem_comp.type
_chem_comp.name
_chem_comp.formula
GOL non-polymer GLYCEROL 'C3 H8 O3'
SO4 non-polymer 'SULFATE ION' 'O4 S -2'
#
# COMPACT_ATOMS: atom_id res chain seq x y z
N ASN A 6 20.78 -10.94 3.22
CA ASN A 6 19.63 -11.02 2.30
C ASN A 6 20.01 -10.54 0.91
N LEU A 7 19.96 -11.43 -0.07
CA LEU A 7 20.32 -11.01 -1.43
C LEU A 7 19.20 -11.42 -2.36
N TYR A 8 18.92 -10.57 -3.37
CA TYR A 8 17.79 -10.84 -4.26
C TYR A 8 18.20 -10.76 -5.72
N ALA A 9 17.67 -11.68 -6.52
CA ALA A 9 17.94 -11.74 -7.95
C ALA A 9 16.79 -11.08 -8.70
N ILE A 10 17.12 -10.18 -9.62
CA ILE A 10 16.09 -9.64 -10.53
C ILE A 10 16.08 -10.53 -11.77
N VAL A 11 14.95 -11.19 -12.03
CA VAL A 11 14.88 -12.23 -13.07
C VAL A 11 13.88 -11.95 -14.16
N GLY A 12 13.06 -10.90 -14.06
CA GLY A 12 12.16 -10.55 -15.16
C GLY A 12 11.88 -9.06 -15.10
N ILE A 13 11.66 -8.47 -16.28
CA ILE A 13 11.37 -7.04 -16.35
C ILE A 13 10.38 -6.77 -17.46
N SER A 14 9.53 -5.77 -17.24
CA SER A 14 8.81 -5.21 -18.38
C SER A 14 8.55 -3.74 -18.05
N CYS A 15 8.57 -2.86 -19.06
CA CYS A 15 8.37 -1.44 -18.76
C CYS A 15 7.64 -0.71 -19.89
N ARG A 16 7.01 0.42 -19.49
CA ARG A 16 6.32 1.34 -20.41
C ARG A 16 6.63 2.73 -19.87
N PHE A 17 7.61 3.39 -20.49
CA PHE A 17 8.04 4.70 -20.04
C PHE A 17 8.06 5.64 -21.25
N PRO A 18 8.14 6.94 -21.04
CA PRO A 18 8.19 7.84 -22.21
C PRO A 18 9.34 7.44 -23.11
N GLY A 19 9.03 7.17 -24.39
CA GLY A 19 10.09 6.78 -25.30
C GLY A 19 10.49 5.33 -25.27
N ALA A 20 9.91 4.49 -24.39
CA ALA A 20 10.50 3.13 -24.25
C ALA A 20 9.49 2.11 -23.78
N ASN A 21 9.14 1.12 -24.62
CA ASN A 21 8.30 0.00 -24.17
C ASN A 21 9.08 -1.28 -24.05
N THR A 22 10.40 -1.21 -24.20
CA THR A 22 11.32 -2.32 -23.96
C THR A 22 12.57 -1.80 -23.28
N ALA A 23 13.28 -2.73 -22.63
CA ALA A 23 14.57 -2.36 -22.04
C ALA A 23 15.54 -1.81 -23.08
N GLU A 24 15.58 -2.42 -24.28
CA GLU A 24 16.50 -1.94 -25.31
C GLU A 24 16.14 -0.52 -25.75
N GLN A 25 14.83 -0.23 -25.87
CA GLN A 25 14.43 1.14 -26.23
C GLN A 25 14.84 2.13 -25.15
N LEU A 26 14.68 1.75 -23.90
CA LEU A 26 15.08 2.63 -22.79
C LEU A 26 16.58 2.87 -22.79
N TRP A 27 17.34 1.80 -22.99
CA TRP A 27 18.79 1.93 -23.04
C TRP A 27 19.21 2.93 -24.12
N ASN A 28 18.55 2.87 -25.28
CA ASN A 28 18.93 3.79 -26.34
C ASN A 28 18.52 5.22 -26.02
N VAL A 29 17.35 5.42 -25.42
CA VAL A 29 17.01 6.77 -24.95
C VAL A 29 18.11 7.34 -24.06
N LEU A 30 18.53 6.55 -23.09
CA LEU A 30 19.50 7.05 -22.11
C LEU A 30 20.88 7.21 -22.72
N MET A 31 21.35 6.21 -23.45
CA MET A 31 22.70 6.30 -24.04
C MET A 31 22.80 7.34 -25.14
N GLU A 32 21.73 7.55 -25.89
CA GLU A 32 21.74 8.60 -26.91
C GLU A 32 21.41 9.98 -26.34
N GLN A 33 21.24 10.10 -25.01
CA GLN A 33 21.04 11.38 -24.35
C GLN A 33 19.81 12.09 -24.93
N ARG A 34 18.74 11.31 -25.15
CA ARG A 34 17.49 11.82 -25.71
C ARG A 34 16.53 12.30 -24.64
N ASP A 35 15.75 13.31 -25.02
CA ASP A 35 14.59 13.82 -24.29
C ASP A 35 13.37 13.13 -24.89
N ALA A 36 12.69 12.29 -24.12
CA ALA A 36 11.56 11.54 -24.66
C ALA A 36 10.21 12.12 -24.22
N ILE A 37 10.23 13.32 -23.63
CA ILE A 37 9.00 14.02 -23.30
CA ILE A 37 9.00 14.05 -23.29
C ILE A 37 8.28 14.47 -24.57
N THR A 38 6.93 14.44 -24.55
CA THR A 38 6.12 14.87 -25.69
C THR A 38 5.78 16.35 -25.58
N THR A 39 5.94 17.08 -26.69
CA THR A 39 5.50 18.47 -26.75
C THR A 39 4.16 18.49 -27.47
N PHE A 40 3.24 19.35 -27.03
CA PHE A 40 1.91 19.45 -27.63
C PHE A 40 1.75 20.80 -28.28
N CYS A 41 0.88 20.82 -29.30
CA CYS A 41 0.51 22.09 -29.92
CA CYS A 41 0.60 22.12 -29.89
C CYS A 41 -0.20 22.96 -28.89
N PRO A 42 -0.05 24.27 -28.93
CA PRO A 42 -0.75 25.07 -27.93
C PRO A 42 -2.24 24.99 -28.16
N ALA A 43 -3.00 24.92 -27.09
CA ALA A 43 -4.45 24.77 -27.24
C ALA A 43 -5.08 26.14 -27.42
N GLU A 44 -6.00 26.27 -28.38
CA GLU A 44 -6.72 27.53 -28.54
C GLU A 44 -7.47 27.88 -27.26
N ASN A 45 -8.19 26.91 -26.69
CA ASN A 45 -8.91 27.11 -25.43
C ASN A 45 -8.56 25.99 -24.47
N LEU A 46 -8.02 26.36 -23.29
CA LEU A 46 -7.61 25.36 -22.30
C LEU A 46 -8.77 24.60 -21.70
N GLY A 47 -9.98 25.20 -21.63
CA GLY A 47 -11.10 24.61 -20.93
C GLY A 47 -11.22 25.04 -19.49
N PHE A 48 -10.25 25.78 -18.96
CA PHE A 48 -10.30 26.35 -17.63
C PHE A 48 -9.51 27.65 -17.67
N ALA A 49 -9.67 28.46 -16.63
CA ALA A 49 -8.92 29.69 -16.47
C ALA A 49 -7.67 29.46 -15.61
N LEU A 50 -6.58 30.15 -15.97
CA LEU A 50 -5.37 30.09 -15.17
C LEU A 50 -5.37 31.16 -14.09
N GLU A 51 -4.96 30.75 -12.89
CA GLU A 51 -4.68 31.69 -11.81
C GLU A 51 -3.61 32.69 -12.27
N GLU A 52 -3.69 33.92 -11.74
CA GLU A 52 -2.94 35.03 -12.30
C GLU A 52 -1.43 34.78 -12.30
N ASN A 53 -0.90 34.06 -11.33
CA ASN A 53 0.53 33.81 -11.28
C ASN A 53 0.93 32.40 -11.79
N SER A 54 0.09 31.80 -12.63
CA SER A 54 0.28 30.42 -13.11
C SER A 54 0.39 30.43 -14.62
N VAL A 55 0.99 29.37 -15.16
CA VAL A 55 1.17 29.22 -16.61
C VAL A 55 0.79 27.81 -16.97
N PHE A 56 0.55 27.59 -18.26
CA PHE A 56 0.36 26.23 -18.79
C PHE A 56 1.53 25.89 -19.69
N VAL A 57 2.16 24.75 -19.46
CA VAL A 57 3.34 24.30 -20.19
C VAL A 57 2.93 23.13 -21.09
N PRO A 58 3.07 23.22 -22.40
CA PRO A 58 2.52 22.17 -23.28
C PRO A 58 3.48 21.00 -23.49
N ARG A 59 3.93 20.39 -22.38
CA ARG A 59 4.85 19.26 -22.42
C ARG A 59 4.37 18.23 -21.40
N TYR A 60 4.60 16.93 -21.68
CA TYR A 60 4.23 15.91 -20.71
C TYR A 60 4.94 14.60 -21.09
N GLY A 61 5.37 13.82 -20.09
CA GLY A 61 5.93 12.50 -20.43
C GLY A 61 4.83 11.49 -20.72
N MET A 62 4.36 11.47 -21.96
CA MET A 62 3.33 10.52 -22.39
C MET A 62 3.93 9.13 -22.62
N ILE A 63 3.13 8.09 -22.41
CA ILE A 63 3.48 6.75 -22.84
C ILE A 63 2.43 6.30 -23.84
N ASP A 64 2.74 5.22 -24.57
CA ASP A 64 1.79 4.70 -25.56
C ASP A 64 1.46 3.25 -25.30
N ALA A 65 1.45 2.90 -24.02
CA ALA A 65 1.27 1.51 -23.62
C ALA A 65 -0.03 0.90 -24.11
N LEU A 66 -1.12 1.66 -24.25
CA LEU A 66 -2.35 0.97 -24.69
C LEU A 66 -2.27 0.49 -26.15
N LYS A 67 -1.27 0.95 -26.92
CA LYS A 67 -1.11 0.41 -28.28
C LYS A 67 -0.74 -1.06 -28.24
N ASP A 68 -0.24 -1.54 -27.10
CA ASP A 68 0.24 -2.92 -27.00
C ASP A 68 -0.66 -3.75 -26.10
N PHE A 69 -1.70 -3.16 -25.54
CA PHE A 69 -2.58 -3.85 -24.61
C PHE A 69 -3.71 -4.55 -25.37
N GLU A 70 -3.85 -5.87 -25.17
CA GLU A 70 -4.91 -6.65 -25.82
C GLU A 70 -5.94 -7.13 -24.81
N PRO A 71 -7.13 -6.52 -24.76
CA PRO A 71 -8.12 -6.90 -23.75
C PRO A 71 -8.43 -8.37 -23.78
N SER A 72 -8.47 -8.96 -24.96
CA SER A 72 -8.92 -10.33 -25.00
C SER A 72 -7.88 -11.33 -24.48
N ALA A 73 -6.61 -10.92 -24.31
CA ALA A 73 -5.61 -11.76 -23.64
C ALA A 73 -5.89 -11.90 -22.14
N TYR A 74 -6.73 -11.05 -21.56
CA TYR A 74 -7.05 -11.01 -20.13
C TYR A 74 -8.55 -11.21 -19.88
N SER A 75 -9.21 -11.96 -20.75
CA SER A 75 -10.65 -12.25 -20.59
C SER A 75 -11.47 -10.99 -20.32
N MET A 76 -11.25 -9.98 -21.16
CA MET A 76 -11.89 -8.68 -21.06
C MET A 76 -12.44 -8.33 -22.45
N SER A 77 -13.70 -7.93 -22.53
CA SER A 77 -14.20 -7.45 -23.81
C SER A 77 -13.65 -6.06 -24.09
N ASP A 78 -13.74 -5.66 -25.37
CA ASP A 78 -13.26 -4.33 -25.75
C ASP A 78 -14.10 -3.26 -25.06
N ALA A 79 -15.40 -3.50 -24.93
CA ALA A 79 -16.25 -2.55 -24.25
C ALA A 79 -15.94 -2.47 -22.77
N GLU A 80 -15.72 -3.63 -22.11
CA GLU A 80 -15.34 -3.60 -20.70
C GLU A 80 -14.04 -2.82 -20.54
N ALA A 81 -13.10 -3.06 -21.43
CA ALA A 81 -11.75 -2.51 -21.25
C ALA A 81 -11.78 -0.98 -21.25
N GLN A 82 -12.70 -0.37 -22.03
CA GLN A 82 -12.69 1.08 -22.17
CA GLN A 82 -12.75 1.08 -22.19
C GLN A 82 -13.14 1.82 -20.93
N THR A 83 -13.75 1.15 -19.95
CA THR A 83 -14.12 1.80 -18.70
C THR A 83 -13.24 1.41 -17.52
N ILE A 84 -12.16 0.68 -17.76
CA ILE A 84 -11.23 0.26 -16.72
C ILE A 84 -10.02 1.23 -16.71
N ASP A 85 -9.67 1.74 -15.52
CA ASP A 85 -8.45 2.59 -15.36
C ASP A 85 -7.34 2.09 -16.26
N PRO A 86 -6.79 2.93 -17.15
CA PRO A 86 -5.60 2.51 -17.90
C PRO A 86 -4.49 2.00 -17.01
N GLN A 87 -4.33 2.57 -15.82
CA GLN A 87 -3.31 2.06 -14.90
C GLN A 87 -3.48 0.58 -14.63
N LYS A 88 -4.73 0.11 -14.47
CA LYS A 88 -4.97 -1.29 -14.26
C LYS A 88 -4.66 -2.11 -15.50
N ARG A 89 -5.11 -1.65 -16.68
CA ARG A 89 -4.83 -2.39 -17.92
C ARG A 89 -3.34 -2.50 -18.15
N VAL A 90 -2.66 -1.36 -18.03
CA VAL A 90 -1.23 -1.36 -18.36
C VAL A 90 -0.43 -2.12 -17.31
N PHE A 91 -0.79 -1.99 -16.03
CA PHE A 91 -0.06 -2.76 -15.04
C PHE A 91 -0.24 -4.26 -15.26
N LEU A 92 -1.47 -4.66 -15.61
CA LEU A 92 -1.66 -6.08 -15.92
C LEU A 92 -0.69 -6.54 -17.02
N ASP A 93 -0.50 -5.74 -18.06
CA ASP A 93 0.38 -6.09 -19.16
C ASP A 93 1.84 -6.17 -18.72
N VAL A 94 2.33 -5.18 -17.95
CA VAL A 94 3.73 -5.27 -17.56
C VAL A 94 3.97 -6.41 -16.59
N ALA A 95 3.02 -6.67 -15.68
CA ALA A 95 3.18 -7.79 -14.76
C ALA A 95 3.22 -9.10 -15.55
N ALA A 96 2.30 -9.25 -16.50
CA ALA A 96 2.29 -10.49 -17.28
C ALA A 96 3.57 -10.64 -18.09
N ASP A 97 4.05 -9.54 -18.69
CA ASP A 97 5.24 -9.64 -19.50
C ASP A 97 6.47 -9.89 -18.65
N ALA A 98 6.53 -9.28 -17.45
CA ALA A 98 7.68 -9.54 -16.60
C ALA A 98 7.71 -10.99 -16.14
N LEU A 99 6.53 -11.57 -15.82
CA LEU A 99 6.49 -12.97 -15.45
C LEU A 99 6.86 -13.88 -16.62
N ALA A 100 6.36 -13.58 -17.82
CA ALA A 100 6.78 -14.32 -19.01
C ALA A 100 8.30 -14.22 -19.20
N ASP A 101 8.87 -13.04 -18.99
CA ASP A 101 10.32 -12.86 -19.11
C ASP A 101 11.05 -13.72 -18.09
N ALA A 102 10.51 -13.81 -16.88
CA ALA A 102 11.14 -14.64 -15.85
C ALA A 102 11.03 -16.14 -16.17
N GLY A 103 10.13 -16.52 -17.08
CA GLY A 103 10.09 -17.91 -17.50
C GLY A 103 11.08 -18.25 -18.59
N THR A 104 11.67 -17.25 -19.27
CA THR A 104 12.69 -17.54 -20.26
C THR A 104 14.04 -17.58 -19.52
N SER A 105 15.01 -18.28 -20.09
CA SER A 105 16.29 -18.44 -19.34
C SER A 105 16.10 -18.91 -17.89
N ALA A 106 15.20 -19.87 -17.70
CA ALA A 106 14.95 -20.47 -16.39
C ALA A 106 14.70 -21.96 -16.58
N SER A 107 15.30 -22.77 -15.72
CA SER A 107 15.09 -24.21 -15.82
C SER A 107 13.59 -24.49 -15.70
N PRO A 108 13.04 -25.39 -16.51
CA PRO A 108 11.58 -25.56 -16.53
C PRO A 108 11.10 -26.27 -15.28
N GLY A 109 9.84 -26.05 -14.97
CA GLY A 109 9.24 -26.83 -13.89
C GLY A 109 9.60 -26.40 -12.50
N ASN A 110 10.06 -25.16 -12.31
CA ASN A 110 10.25 -24.57 -10.98
C ASN A 110 9.28 -23.41 -10.88
N PRO A 111 8.00 -23.68 -10.62
CA PRO A 111 7.03 -22.59 -10.52
C PRO A 111 7.44 -21.60 -9.46
N LEU A 112 7.21 -20.33 -9.77
CA LEU A 112 7.46 -19.20 -8.88
C LEU A 112 6.49 -19.16 -7.71
N ASP A 113 5.48 -20.02 -7.71
CA ASP A 113 4.37 -19.90 -6.77
C ASP A 113 4.81 -20.24 -5.34
N PRO A 114 4.23 -19.57 -4.35
CA PRO A 114 3.27 -18.46 -4.53
C PRO A 114 3.98 -17.16 -4.96
N VAL A 115 3.38 -16.44 -5.88
CA VAL A 115 3.93 -15.18 -6.40
C VAL A 115 3.21 -14.07 -5.68
N GLY A 116 3.96 -13.23 -4.94
CA GLY A 116 3.37 -12.04 -4.33
C GLY A 116 3.32 -10.90 -5.34
N VAL A 117 2.45 -9.94 -5.10
CA VAL A 117 2.30 -8.77 -5.97
C VAL A 117 2.38 -7.54 -5.09
N PHE A 118 3.40 -6.68 -5.30
CA PHE A 118 3.58 -5.48 -4.50
C PHE A 118 3.67 -4.34 -5.49
N VAL A 119 2.61 -3.50 -5.58
CA VAL A 119 2.61 -2.48 -6.63
C VAL A 119 2.39 -1.11 -6.01
N GLY A 120 3.31 -0.19 -6.29
CA GLY A 120 3.12 1.20 -5.95
C GLY A 120 2.35 1.87 -7.06
N ALA A 121 1.23 2.52 -6.71
CA ALA A 121 0.32 3.02 -7.75
C ALA A 121 -0.22 4.40 -7.39
N ALA A 122 -0.34 5.28 -8.40
CA ALA A 122 -1.08 6.52 -8.17
C ALA A 122 -2.56 6.23 -7.99
N THR A 123 -3.27 7.20 -7.39
CA THR A 123 -4.73 7.16 -7.33
C THR A 123 -5.33 6.96 -8.70
N ASN A 124 -6.46 6.28 -8.78
CA ASN A 124 -7.18 6.20 -10.05
C ASN A 124 -7.86 7.55 -10.37
N THR A 125 -7.25 8.35 -11.25
CA THR A 125 -7.81 9.63 -11.66
C THR A 125 -8.65 9.52 -12.93
N PHE A 126 -8.54 8.36 -13.62
CA PHE A 126 -9.36 8.09 -14.80
C PHE A 126 -10.83 8.05 -14.45
N LEU A 127 -11.15 7.41 -13.33
CA LEU A 127 -12.51 6.99 -13.03
C LEU A 127 -13.47 8.16 -13.09
N SER A 128 -13.09 9.27 -12.47
CA SER A 128 -13.94 10.45 -12.41
C SER A 128 -13.78 11.37 -13.62
N SER A 129 -12.77 11.13 -14.46
CA SER A 129 -12.36 12.10 -15.47
C SER A 129 -13.28 12.04 -16.70
N ARG A 130 -13.27 13.14 -17.46
CA ARG A 130 -13.98 13.18 -18.72
C ARG A 130 -13.41 12.21 -19.74
N ASP A 131 -12.24 11.63 -19.46
CA ASP A 131 -11.64 10.72 -20.42
C ASP A 131 -12.23 9.34 -20.31
N ASN A 132 -12.93 9.04 -19.21
CA ASN A 132 -13.64 7.79 -18.99
C ASN A 132 -14.96 7.85 -19.76
N PRO A 133 -15.10 7.07 -20.83
CA PRO A 133 -16.38 7.09 -21.58
C PRO A 133 -17.59 6.73 -20.74
N GLY A 134 -17.41 6.11 -19.58
CA GLY A 134 -18.52 5.77 -18.71
C GLY A 134 -18.64 6.72 -17.54
N SER A 135 -17.98 7.87 -17.63
CA SER A 135 -18.20 8.97 -16.69
C SER A 135 -19.40 9.79 -17.15
N GLU A 142 -28.27 9.24 -14.74
CA GLU A 142 -28.22 7.78 -14.73
C GLU A 142 -28.82 7.24 -13.43
N PRO A 143 -29.83 6.38 -13.53
CA PRO A 143 -30.40 5.79 -12.30
C PRO A 143 -29.33 5.02 -11.55
N GLN A 144 -29.33 5.15 -10.21
CA GLN A 144 -28.25 4.62 -9.40
C GLN A 144 -28.55 3.22 -8.87
N SER A 145 -27.53 2.36 -8.92
CA SER A 145 -27.51 0.98 -8.47
C SER A 145 -26.28 0.81 -7.60
N PHE A 146 -26.17 -0.35 -6.94
CA PHE A 146 -24.97 -0.67 -6.17
C PHE A 146 -23.74 -0.57 -7.07
N ALA A 147 -23.85 -1.09 -8.29
CA ALA A 147 -22.69 -1.16 -9.16
C ALA A 147 -22.21 0.21 -9.64
N ASN A 148 -23.12 1.16 -9.88
CA ASN A 148 -22.63 2.44 -10.40
C ASN A 148 -22.63 3.55 -9.36
N HIS A 149 -23.12 3.30 -8.13
CA HIS A 149 -23.11 4.34 -7.11
C HIS A 149 -21.85 4.33 -6.24
N TYR A 150 -21.13 3.20 -6.20
CA TYR A 150 -19.95 3.03 -5.38
C TYR A 150 -18.75 2.69 -6.24
N GLN A 151 -18.48 3.47 -7.30
CA GLN A 151 -17.47 2.99 -8.24
C GLN A 151 -16.08 3.04 -7.65
N GLN A 152 -15.83 3.90 -6.68
CA GLN A 152 -14.57 3.77 -5.95
C GLN A 152 -14.49 2.48 -5.10
N LEU A 153 -15.51 2.17 -4.28
CA LEU A 153 -15.51 0.88 -3.61
C LEU A 153 -15.23 -0.27 -4.58
N LEU A 154 -15.92 -0.28 -5.70
CA LEU A 154 -15.80 -1.42 -6.60
C LEU A 154 -14.61 -1.30 -7.54
N ASP A 155 -13.84 -0.23 -7.39
CA ASP A 155 -12.55 -0.14 -8.06
C ASP A 155 -11.64 -1.10 -7.33
N CYS A 156 -11.47 -2.25 -7.92
CA CYS A 156 -10.61 -3.24 -7.33
C CYS A 156 -9.21 -2.64 -7.28
N PRO A 157 -8.49 -2.75 -6.18
CA PRO A 157 -7.10 -2.23 -6.17
C PRO A 157 -6.29 -2.90 -7.24
N ILE A 158 -5.34 -2.12 -7.78
CA ILE A 158 -4.63 -2.56 -8.99
C ILE A 158 -3.92 -3.89 -8.74
N GLY A 159 -3.26 -4.02 -7.59
CA GLY A 159 -2.52 -5.24 -7.31
C GLY A 159 -3.41 -6.46 -7.24
N THR A 160 -4.53 -6.33 -6.53
CA THR A 160 -5.41 -7.51 -6.43
C THR A 160 -6.00 -7.87 -7.79
N PHE A 161 -6.26 -6.85 -8.62
CA PHE A 161 -6.79 -7.12 -9.95
C PHE A 161 -5.79 -7.95 -10.76
N ALA A 162 -4.51 -7.64 -10.61
CA ALA A 162 -3.48 -8.38 -11.32
C ALA A 162 -3.37 -9.79 -10.77
N SER A 163 -3.43 -9.95 -9.44
CA SER A 163 -3.43 -11.31 -8.89
C SER A 163 -4.60 -12.15 -9.41
N PHE A 164 -5.78 -11.54 -9.53
CA PHE A 164 -6.94 -12.27 -10.05
C PHE A 164 -6.74 -12.63 -11.53
N LYS A 165 -6.39 -11.64 -12.36
CA LYS A 165 -6.32 -11.91 -13.80
C LYS A 165 -5.14 -12.81 -14.16
N LEU A 166 -4.03 -12.77 -13.40
CA LEU A 166 -2.85 -13.56 -13.71
C LEU A 166 -2.73 -14.82 -12.86
N ASN A 167 -3.74 -15.08 -12.03
CA ASN A 167 -3.78 -16.26 -11.15
C ASN A 167 -2.55 -16.33 -10.25
N LEU A 168 -2.31 -15.24 -9.52
CA LEU A 168 -1.20 -15.18 -8.58
C LEU A 168 -1.76 -15.30 -7.17
N THR A 169 -1.04 -16.03 -6.31
CA THR A 169 -1.61 -16.42 -5.00
C THR A 169 -0.78 -16.08 -3.77
N GLY A 170 0.38 -15.41 -3.91
CA GLY A 170 1.08 -14.86 -2.77
C GLY A 170 0.43 -13.62 -2.21
N PRO A 171 1.08 -12.98 -1.24
CA PRO A 171 0.59 -11.70 -0.71
C PRO A 171 0.34 -10.71 -1.84
N VAL A 172 -0.70 -9.91 -1.69
CA VAL A 172 -0.90 -8.80 -2.63
C VAL A 172 -1.07 -7.52 -1.84
N VAL A 173 -0.42 -6.44 -2.31
CA VAL A 173 -0.48 -5.12 -1.69
C VAL A 173 -0.50 -4.10 -2.81
N THR A 174 -1.41 -3.15 -2.76
CA THR A 174 -1.32 -1.95 -3.60
C THR A 174 -1.02 -0.81 -2.64
N LEU A 175 0.01 -0.01 -2.92
CA LEU A 175 0.41 0.94 -1.89
C LEU A 175 0.74 2.29 -2.52
N ASN A 176 0.81 3.31 -1.66
CA ASN A 176 1.20 4.63 -2.11
C ASN A 176 2.05 5.32 -1.05
N THR A 177 3.26 5.63 -1.46
CA THR A 177 4.17 6.55 -0.78
C THR A 177 4.67 7.61 -1.78
N ALA A 178 3.74 8.14 -2.56
CA ALA A 178 4.00 9.18 -3.58
C ALA A 178 5.18 8.75 -4.46
N CYS A 179 6.17 9.59 -4.71
CA CYS A 179 7.15 9.23 -5.74
C CYS A 179 8.12 8.14 -5.27
N SER A 180 8.11 7.72 -3.97
CA SER A 180 8.94 6.57 -3.59
C SER A 180 8.19 5.24 -3.69
N SER A 181 6.95 5.25 -4.17
CA SER A 181 6.08 4.07 -4.11
C SER A 181 6.71 2.81 -4.69
N ALA A 182 7.44 2.92 -5.81
CA ALA A 182 7.96 1.70 -6.44
C ALA A 182 9.05 1.07 -5.61
N LEU A 183 9.87 1.89 -4.95
CA LEU A 183 10.91 1.27 -4.11
C LEU A 183 10.35 0.86 -2.74
N ALA A 184 9.32 1.57 -2.29
CA ALA A 184 8.52 1.08 -1.15
C ALA A 184 7.99 -0.34 -1.42
N ALA A 185 7.48 -0.56 -2.63
CA ALA A 185 7.00 -1.87 -3.01
C ALA A 185 8.13 -2.89 -3.06
N LEU A 186 9.30 -2.49 -3.59
CA LEU A 186 10.44 -3.40 -3.58
C LEU A 186 10.79 -3.81 -2.17
N HIS A 187 10.90 -2.82 -1.25
CA HIS A 187 11.23 -3.11 0.14
C HIS A 187 10.27 -4.14 0.74
N LEU A 188 8.96 -3.95 0.55
CA LEU A 188 8.02 -4.91 1.13
C LEU A 188 8.18 -6.29 0.52
N ALA A 189 8.36 -6.34 -0.82
CA ALA A 189 8.54 -7.63 -1.48
C ALA A 189 9.79 -8.34 -0.93
N CYS A 190 10.88 -7.60 -0.71
CA CYS A 190 12.09 -8.24 -0.18
C CYS A 190 11.84 -8.76 1.24
N ALA A 191 11.20 -7.95 2.08
CA ALA A 191 10.87 -8.42 3.43
C ALA A 191 9.97 -9.65 3.41
N SER A 192 9.01 -9.68 2.49
CA SER A 192 8.10 -10.80 2.43
CA SER A 192 8.08 -10.80 2.40
C SER A 192 8.78 -12.07 1.92
N LEU A 193 9.67 -11.94 0.91
CA LEU A 193 10.47 -13.09 0.48
C LEU A 193 11.30 -13.63 1.65
N SER A 194 12.00 -12.73 2.36
CA SER A 194 12.86 -13.14 3.45
C SER A 194 12.07 -13.76 4.60
N HIS A 195 10.80 -13.36 4.77
CA HIS A 195 9.89 -13.91 5.77
C HIS A 195 9.27 -15.23 5.34
N GLY A 196 9.48 -15.66 4.10
CA GLY A 196 8.96 -16.90 3.62
C GLY A 196 7.51 -16.85 3.19
N ASP A 197 6.97 -15.67 2.90
CA ASP A 197 5.57 -15.57 2.52
C ASP A 197 5.31 -15.92 1.06
N CYS A 198 6.33 -15.89 0.21
CA CYS A 198 6.12 -16.16 -1.20
C CYS A 198 7.46 -16.66 -1.72
N ASN A 199 7.45 -17.23 -2.92
CA ASN A 199 8.69 -17.68 -3.51
C ASN A 199 9.16 -16.81 -4.65
N ALA A 200 8.37 -15.83 -5.07
CA ALA A 200 8.78 -14.82 -6.02
C ALA A 200 7.87 -13.64 -5.79
N ALA A 201 8.27 -12.46 -6.28
CA ALA A 201 7.44 -11.28 -6.11
C ALA A 201 7.46 -10.48 -7.41
N VAL A 202 6.28 -10.07 -7.84
CA VAL A 202 6.15 -8.99 -8.82
C VAL A 202 6.23 -7.69 -8.06
N VAL A 203 7.19 -6.83 -8.44
CA VAL A 203 7.37 -5.51 -7.85
C VAL A 203 6.96 -4.49 -8.89
N GLY A 204 5.95 -3.67 -8.58
CA GLY A 204 5.38 -2.81 -9.63
C GLY A 204 5.36 -1.32 -9.30
N GLY A 205 5.29 -0.51 -10.34
CA GLY A 205 5.01 0.92 -10.14
C GLY A 205 4.16 1.37 -11.30
N VAL A 206 3.15 2.18 -11.05
CA VAL A 206 2.34 2.66 -12.18
C VAL A 206 1.76 4.02 -11.83
N SER A 207 1.79 4.92 -12.81
CA SER A 207 1.12 6.21 -12.67
C SER A 207 0.67 6.67 -14.06
N MET A 208 -0.64 6.82 -14.25
CA MET A 208 -1.18 7.37 -15.49
C MET A 208 -2.25 8.38 -15.10
N ALA A 209 -2.04 9.63 -15.46
CA ALA A 209 -2.85 10.72 -14.90
C ALA A 209 -3.92 11.21 -15.88
N TYR A 210 -5.15 11.40 -15.36
CA TYR A 210 -6.30 11.87 -16.13
C TYR A 210 -6.98 13.03 -15.41
N PRO A 211 -7.61 13.96 -16.17
CA PRO A 211 -7.75 13.94 -17.63
C PRO A 211 -6.44 14.29 -18.30
N GLN A 212 -6.32 13.88 -19.56
CA GLN A 212 -5.11 14.22 -20.32
C GLN A 212 -5.27 15.59 -20.97
N GLU A 213 -4.36 16.51 -20.65
CA GLU A 213 -4.57 17.90 -21.03
C GLU A 213 -3.51 18.41 -21.99
N GLY A 214 -2.56 17.56 -22.42
CA GLY A 214 -1.57 18.10 -23.36
C GLY A 214 -0.59 19.08 -22.72
N GLY A 215 -0.25 18.86 -21.46
CA GLY A 215 0.60 19.78 -20.73
C GLY A 215 0.18 19.83 -19.27
N TYR A 216 0.75 20.81 -18.55
CA TYR A 216 0.52 20.88 -17.11
C TYR A 216 0.52 22.32 -16.67
N VAL A 217 -0.12 22.57 -15.52
CA VAL A 217 -0.17 23.91 -14.91
C VAL A 217 0.95 24.02 -13.90
N THR A 218 1.67 25.15 -13.90
CA THR A 218 2.60 25.39 -12.80
C THR A 218 2.70 26.90 -12.56
N ALA A 219 3.61 27.28 -11.66
CA ALA A 219 3.83 28.70 -11.39
C ALA A 219 4.57 29.39 -12.54
N ARG A 220 4.24 30.67 -12.77
CA ARG A 220 5.10 31.51 -13.62
C ARG A 220 6.56 31.45 -13.16
N PRO A 221 7.51 31.70 -14.06
CA PRO A 221 8.92 31.63 -13.68
C PRO A 221 9.21 32.53 -12.49
N GLY A 222 9.93 31.99 -11.52
CA GLY A 222 10.28 32.77 -10.36
C GLY A 222 9.16 32.98 -9.39
N GLY A 223 8.02 32.36 -9.61
CA GLY A 223 6.94 32.37 -8.65
C GLY A 223 7.11 31.27 -7.62
N ASP A 224 6.00 30.88 -7.04
CA ASP A 224 5.94 29.84 -6.03
C ASP A 224 6.97 28.71 -6.19
N SER A 225 7.95 28.59 -5.29
CA SER A 225 8.84 27.43 -5.39
C SER A 225 8.16 26.12 -4.95
N SER A 226 7.02 26.19 -4.24
CA SER A 226 6.31 24.96 -3.91
C SER A 226 5.66 24.32 -5.14
N ALA A 227 5.58 25.04 -6.26
CA ALA A 227 5.07 24.50 -7.53
C ALA A 227 6.29 23.87 -8.19
N VAL A 228 6.48 22.57 -7.94
CA VAL A 228 7.70 21.87 -8.33
C VAL A 228 7.77 21.49 -9.80
N PHE A 229 6.69 21.73 -10.56
CA PHE A 229 6.73 21.44 -11.99
C PHE A 229 7.48 22.57 -12.69
N SER A 230 8.38 22.21 -13.61
CA SER A 230 9.25 23.16 -14.31
C SER A 230 8.48 24.20 -15.12
N PRO A 231 8.65 25.48 -14.87
CA PRO A 231 7.97 26.47 -15.73
C PRO A 231 8.51 26.49 -17.15
N SER A 232 9.77 26.11 -17.35
CA SER A 232 10.34 26.12 -18.68
C SER A 232 9.96 24.89 -19.47
N GLY A 233 9.47 23.85 -18.81
CA GLY A 233 9.19 22.60 -19.49
C GLY A 233 10.37 21.68 -19.71
N VAL A 234 11.50 21.92 -19.03
CA VAL A 234 12.70 21.08 -19.21
C VAL A 234 13.25 20.74 -17.83
N CYS A 235 13.51 19.46 -17.58
CA CYS A 235 14.08 19.01 -16.32
C CYS A 235 15.59 18.87 -16.51
N HIS A 236 16.38 19.68 -15.75
CA HIS A 236 17.85 19.64 -15.75
C HIS A 236 18.41 19.15 -14.40
N PRO A 237 18.41 17.82 -14.14
CA PRO A 237 18.91 17.34 -12.83
C PRO A 237 20.36 17.75 -12.59
N LEU A 238 20.62 18.19 -11.36
CA LEU A 238 21.94 18.51 -10.82
C LEU A 238 22.59 19.69 -11.53
N ASP A 239 21.83 20.44 -12.32
CA ASP A 239 22.35 21.46 -13.24
C ASP A 239 22.00 22.84 -12.70
N SER A 240 22.82 23.83 -13.06
CA SER A 240 22.50 25.17 -12.58
C SER A 240 21.20 25.69 -13.20
N ARG A 241 20.72 25.10 -14.30
CA ARG A 241 19.45 25.51 -14.90
C ARG A 241 18.22 24.90 -14.21
N ALA A 242 18.42 24.05 -13.22
CA ALA A 242 17.32 23.33 -12.56
C ALA A 242 16.21 24.28 -12.18
N ASP A 243 14.95 23.92 -12.57
CA ASP A 243 13.80 24.74 -12.23
C ASP A 243 12.57 23.87 -12.00
N GLY A 244 12.76 22.60 -11.70
CA GLY A 244 11.63 21.71 -11.41
C GLY A 244 11.62 20.51 -12.33
N CYS A 245 10.57 19.71 -12.16
CA CYS A 245 10.52 18.48 -12.95
C CYS A 245 9.40 18.60 -13.99
N VAL A 246 9.41 17.65 -14.90
CA VAL A 246 8.34 17.58 -15.90
C VAL A 246 7.56 16.31 -15.57
N PRO A 247 6.26 16.41 -15.31
CA PRO A 247 5.49 15.19 -14.96
C PRO A 247 5.34 14.26 -16.16
N ALA A 248 5.15 12.97 -15.83
CA ALA A 248 5.17 11.89 -16.81
C ALA A 248 4.39 10.71 -16.28
N ASP A 249 3.84 9.93 -17.21
CA ASP A 249 3.22 8.65 -16.88
C ASP A 249 4.26 7.53 -17.04
N GLY A 250 4.00 6.40 -16.41
CA GLY A 250 4.92 5.28 -16.53
C GLY A 250 4.35 4.05 -15.87
N ALA A 251 4.87 2.88 -16.29
CA ALA A 251 4.46 1.64 -15.63
C ALA A 251 5.56 0.63 -15.82
N ALA A 252 5.83 -0.17 -14.79
CA ALA A 252 6.88 -1.17 -14.95
C ALA A 252 6.68 -2.25 -13.89
N ALA A 253 7.29 -3.41 -14.16
CA ALA A 253 7.30 -4.49 -13.16
C ALA A 253 8.61 -5.23 -13.24
N LEU A 254 9.11 -5.63 -12.09
CA LEU A 254 10.23 -6.55 -11.99
C LEU A 254 9.70 -7.84 -11.37
N VAL A 255 10.31 -8.97 -11.69
CA VAL A 255 10.11 -10.20 -10.89
C VAL A 255 11.40 -10.44 -10.11
N ILE A 256 11.26 -10.62 -8.80
CA ILE A 256 12.45 -10.89 -8.00
C ILE A 256 12.27 -12.20 -7.22
N LYS A 257 13.42 -12.82 -6.93
CA LYS A 257 13.48 -14.08 -6.17
C LYS A 257 14.62 -13.91 -5.17
N ARG A 258 14.56 -14.69 -4.07
CA ARG A 258 15.77 -14.84 -3.22
C ARG A 258 16.92 -15.37 -4.08
N LEU A 259 18.12 -14.84 -3.84
CA LEU A 259 19.25 -15.30 -4.67
C LEU A 259 19.47 -16.80 -4.46
N ALA A 260 19.21 -17.32 -3.25
CA ALA A 260 19.35 -18.77 -3.02
C ALA A 260 18.44 -19.56 -3.94
N ASP A 261 17.25 -19.04 -4.23
CA ASP A 261 16.38 -19.79 -5.14
C ASP A 261 16.79 -19.62 -6.59
N ALA A 262 17.26 -18.43 -7.00
CA ALA A 262 17.84 -18.31 -8.35
C ALA A 262 18.97 -19.32 -8.53
N ARG A 263 19.73 -19.61 -7.48
CA ARG A 263 20.81 -20.60 -7.61
C ARG A 263 20.26 -22.02 -7.66
N ALA A 264 19.26 -22.30 -6.83
CA ALA A 264 18.71 -23.65 -6.79
C ALA A 264 17.86 -23.97 -8.02
N ASP A 265 17.22 -22.97 -8.62
CA ASP A 265 16.22 -23.20 -9.66
C ASP A 265 16.74 -22.98 -11.07
N GLY A 266 17.99 -22.55 -11.24
CA GLY A 266 18.50 -22.41 -12.57
C GLY A 266 17.97 -21.20 -13.33
N CYS A 267 18.00 -20.02 -12.73
CA CYS A 267 17.51 -18.77 -13.32
C CYS A 267 18.71 -17.93 -13.76
N ARG A 268 18.70 -17.42 -15.00
CA ARG A 268 19.64 -16.34 -15.31
C ARG A 268 19.18 -15.06 -14.63
N VAL A 269 20.11 -14.18 -14.34
CA VAL A 269 19.83 -13.09 -13.41
C VAL A 269 20.27 -11.77 -14.06
N TYR A 270 19.42 -10.75 -14.00
CA TYR A 270 19.78 -9.47 -14.64
C TYR A 270 20.83 -8.69 -13.85
N ALA A 271 20.65 -8.66 -12.53
CA ALA A 271 21.43 -7.91 -11.54
C ALA A 271 20.96 -8.36 -10.16
N VAL A 272 21.77 -8.09 -9.12
CA VAL A 272 21.51 -8.56 -7.77
C VAL A 272 21.29 -7.36 -6.85
N ILE A 273 20.26 -7.45 -6.00
CA ILE A 273 20.03 -6.45 -4.95
C ILE A 273 20.79 -6.90 -3.73
N GLU A 274 21.73 -6.06 -3.29
CA GLU A 274 22.58 -6.33 -2.13
C GLU A 274 22.06 -5.69 -0.86
N GLY A 275 21.29 -4.61 -0.96
CA GLY A 275 20.75 -3.99 0.23
C GLY A 275 19.59 -3.09 -0.12
N VAL A 276 18.61 -3.01 0.80
CA VAL A 276 17.44 -2.16 0.64
C VAL A 276 17.09 -1.57 2.01
N ALA A 277 16.76 -0.29 2.04
CA ALA A 277 16.19 0.28 3.25
C ALA A 277 15.16 1.35 2.90
N VAL A 278 14.22 1.56 3.80
CA VAL A 278 13.26 2.65 3.64
C VAL A 278 13.14 3.32 5.00
N SER A 279 12.66 4.54 5.00
CA SER A 279 12.35 5.23 6.26
C SER A 279 11.42 6.42 5.96
N ALA A 280 11.04 7.12 7.03
CA ALA A 280 10.31 8.38 6.91
C ALA A 280 11.11 9.46 7.61
N ASP A 281 11.02 10.68 7.07
CA ASP A 281 11.75 11.83 7.63
C ASP A 281 11.28 12.15 9.06
N GLY A 282 10.02 11.88 9.35
CA GLY A 282 9.44 12.48 10.55
C GLY A 282 9.43 13.99 10.39
N SER A 283 9.57 14.71 11.51
CA SER A 283 9.45 16.17 11.40
C SER A 283 10.70 16.92 11.84
N ASP A 284 11.75 16.23 12.29
CA ASP A 284 12.99 16.93 12.60
C ASP A 284 13.77 17.26 11.33
N ASP A 285 14.49 18.38 11.36
CA ASP A 285 15.39 18.74 10.26
C ASP A 285 14.64 18.77 8.93
N LYS A 286 13.40 19.23 8.96
CA LYS A 286 12.54 19.12 7.78
C LYS A 286 11.74 20.41 7.64
N ALA A 287 11.94 21.11 6.52
CA ALA A 287 11.37 22.45 6.36
C ALA A 287 9.84 22.46 6.36
N GLY A 288 9.19 21.35 5.99
CA GLY A 288 7.74 21.27 5.89
C GLY A 288 7.36 20.00 5.14
N LEU A 289 6.06 19.79 4.95
CA LEU A 289 5.59 18.50 4.39
C LEU A 289 6.26 18.20 3.05
N GLY A 290 6.39 19.20 2.18
CA GLY A 290 6.89 18.99 0.84
C GLY A 290 8.35 19.32 0.65
N VAL A 291 9.11 19.41 1.74
CA VAL A 291 10.55 19.62 1.59
C VAL A 291 11.32 18.46 2.19
N PRO A 292 12.01 17.66 1.38
CA PRO A 292 12.74 16.50 1.93
C PRO A 292 13.77 16.94 2.96
N SER A 293 14.03 16.04 3.91
CA SER A 293 15.01 16.23 4.96
C SER A 293 16.32 15.57 4.53
N SER A 294 17.45 16.32 4.49
CA SER A 294 18.73 15.69 4.17
CA SER A 294 18.70 15.66 4.13
C SER A 294 19.07 14.65 5.21
N SER A 295 18.71 14.93 6.48
CA SER A 295 19.03 13.98 7.56
C SER A 295 18.29 12.68 7.36
N GLY A 296 16.98 12.77 7.11
CA GLY A 296 16.20 11.58 6.93
C GLY A 296 16.70 10.73 5.78
N GLN A 297 16.99 11.38 4.65
CA GLN A 297 17.55 10.66 3.51
C GLN A 297 18.86 9.99 3.89
N SER A 298 19.77 10.74 4.55
CA SER A 298 21.06 10.16 4.87
C SER A 298 20.94 8.89 5.73
N ARG A 299 19.97 8.84 6.64
CA ARG A 299 19.78 7.64 7.47
C ARG A 299 19.41 6.44 6.60
N THR A 300 18.61 6.68 5.56
CA THR A 300 18.14 5.58 4.71
C THR A 300 19.26 5.05 3.85
N VAL A 301 20.05 5.96 3.28
CA VAL A 301 21.18 5.57 2.46
C VAL A 301 22.16 4.79 3.30
N GLU A 302 22.45 5.31 4.50
CA GLU A 302 23.37 4.61 5.38
C GLU A 302 22.87 3.22 5.73
N ALA A 303 21.57 3.08 6.04
CA ALA A 303 21.05 1.77 6.40
C ALA A 303 21.20 0.77 5.26
N ALA A 304 20.90 1.22 4.02
CA ALA A 304 20.98 0.33 2.88
C ALA A 304 22.42 -0.10 2.64
N LEU A 305 23.35 0.84 2.78
CA LEU A 305 24.78 0.52 2.58
C LEU A 305 25.29 -0.41 3.68
N ARG A 306 24.83 -0.20 4.91
CA ARG A 306 25.19 -1.15 5.98
C ARG A 306 24.63 -2.52 5.70
N ARG A 307 23.40 -2.61 5.17
CA ARG A 307 22.90 -3.94 4.88
C ARG A 307 23.66 -4.59 3.72
N ALA A 308 24.11 -3.79 2.74
CA ALA A 308 24.85 -4.36 1.62
C ALA A 308 26.23 -4.85 2.05
N GLY A 309 26.88 -4.14 2.95
CA GLY A 309 28.08 -4.63 3.63
C GLY A 309 29.31 -3.86 3.20
N PRO A 310 30.43 -4.07 3.92
CA PRO A 310 31.60 -3.20 3.71
C PRO A 310 32.18 -3.29 2.31
N GLN A 311 32.21 -4.45 1.68
CA GLN A 311 32.77 -4.45 0.33
C GLN A 311 31.89 -3.66 -0.63
N ALA A 312 30.57 -3.86 -0.55
CA ALA A 312 29.67 -3.04 -1.37
C ALA A 312 29.92 -1.55 -1.15
N LEU A 313 30.01 -1.14 0.12
CA LEU A 313 30.19 0.26 0.44
C LEU A 313 31.47 0.78 -0.17
N SER A 314 32.55 -0.01 -0.09
CA SER A 314 33.83 0.50 -0.59
C SER A 314 33.82 0.64 -2.10
N ARG A 315 32.96 -0.10 -2.78
CA ARG A 315 32.89 -0.09 -4.23
C ARG A 315 31.69 0.69 -4.77
N LEU A 316 30.98 1.43 -3.93
CA LEU A 316 29.84 2.24 -4.39
C LEU A 316 30.36 3.37 -5.29
N ARG A 317 30.09 3.26 -6.58
CA ARG A 317 30.72 4.12 -7.58
C ARG A 317 29.78 5.15 -8.18
N TYR A 318 28.46 4.89 -8.17
CA TYR A 318 27.55 5.75 -8.90
C TYR A 318 26.20 5.64 -8.17
N VAL A 319 25.48 6.75 -8.06
CA VAL A 319 24.12 6.76 -7.52
C VAL A 319 23.17 7.29 -8.57
N GLU A 320 22.13 6.50 -8.86
CA GLU A 320 20.97 6.97 -9.59
C GLU A 320 20.08 7.66 -8.56
N MET A 321 20.20 8.98 -8.51
CA MET A 321 19.46 9.78 -7.54
C MET A 321 17.96 9.82 -7.90
N HIS A 322 17.16 10.24 -6.93
CA HIS A 322 15.84 10.71 -7.26
C HIS A 322 15.95 11.85 -8.27
N GLY A 323 16.79 12.86 -7.94
CA GLY A 323 17.24 13.77 -8.97
C GLY A 323 16.14 14.41 -9.78
N SER A 324 15.13 14.98 -9.11
CA SER A 324 14.02 15.49 -9.90
C SER A 324 14.21 16.91 -10.43
N GLY A 325 15.34 17.59 -10.17
CA GLY A 325 15.59 18.81 -10.89
C GLY A 325 14.99 20.06 -10.30
N THR A 326 14.41 19.99 -9.05
CA THR A 326 14.26 21.25 -8.36
C THR A 326 15.63 21.63 -7.79
N PRO A 327 16.00 22.90 -7.86
CA PRO A 327 17.38 23.21 -7.43
C PRO A 327 17.59 22.93 -5.94
N TRP A 328 16.58 23.22 -5.12
CA TRP A 328 16.71 23.00 -3.69
C TRP A 328 16.64 21.52 -3.32
N GLY A 329 15.72 20.77 -3.99
CA GLY A 329 15.63 19.35 -3.73
C GLY A 329 16.90 18.62 -4.15
N ASP A 330 17.44 18.95 -5.32
CA ASP A 330 18.71 18.31 -5.72
C ASP A 330 19.80 18.60 -4.70
N ALA A 331 19.90 19.85 -4.24
CA ALA A 331 20.93 20.19 -3.24
C ALA A 331 20.76 19.39 -1.96
N LEU A 332 19.51 19.28 -1.44
CA LEU A 332 19.24 18.51 -0.23
C LEU A 332 19.59 17.05 -0.42
N GLU A 333 19.34 16.51 -1.64
CA GLU A 333 19.61 15.10 -1.85
C GLU A 333 21.11 14.84 -1.91
N VAL A 334 21.86 15.73 -2.57
CA VAL A 334 23.32 15.65 -2.52
C VAL A 334 23.82 15.75 -1.08
N GLN A 335 23.31 16.71 -0.32
CA GLN A 335 23.68 16.80 1.11
C GLN A 335 23.41 15.50 1.86
N GLY A 336 22.26 14.85 1.61
CA GLY A 336 22.01 13.58 2.29
C GLY A 336 23.03 12.50 1.94
N LEU A 337 23.45 12.44 0.66
CA LEU A 337 24.51 11.50 0.30
C LEU A 337 25.83 11.85 1.01
N LYS A 338 26.20 13.13 1.01
CA LYS A 338 27.42 13.53 1.71
C LYS A 338 27.37 13.11 3.18
N MET A 339 26.24 13.38 3.85
CA MET A 339 26.10 13.01 5.26
C MET A 339 26.23 11.49 5.45
N ALA A 340 25.56 10.70 4.61
CA ALA A 340 25.63 9.25 4.77
C ALA A 340 27.07 8.75 4.62
N PHE A 341 27.73 9.16 3.53
CA PHE A 341 29.07 8.64 3.29
C PHE A 341 30.07 9.15 4.32
N ASP A 342 29.88 10.36 4.82
CA ASP A 342 30.73 10.85 5.92
C ASP A 342 30.56 9.98 7.17
N ARG A 343 29.32 9.65 7.54
CA ARG A 343 29.11 8.81 8.70
C ARG A 343 29.66 7.41 8.48
N LEU A 344 29.57 6.90 7.25
CA LEU A 344 30.10 5.56 7.00
C LEU A 344 31.63 5.53 6.98
N SER A 345 32.28 6.65 6.69
CA SER A 345 33.74 6.65 6.70
C SER A 345 34.30 6.60 8.12
N LYS A 346 33.50 7.02 9.10
CA LYS A 346 33.91 7.17 10.48
C LYS A 346 33.29 6.09 11.37
N ASP A 363 38.08 7.15 -6.33
CA ASP A 363 37.24 7.33 -5.14
C ASP A 363 36.09 8.32 -5.40
N ARG A 364 36.05 8.90 -6.59
CA ARG A 364 34.92 9.72 -6.98
C ARG A 364 33.68 8.86 -6.93
N ILE A 365 32.56 9.45 -6.51
CA ILE A 365 31.24 8.82 -6.63
C ILE A 365 30.45 9.69 -7.62
N TYR A 366 30.07 9.12 -8.74
CA TYR A 366 29.37 9.86 -9.77
C TYR A 366 27.87 9.82 -9.53
N LEU A 367 27.16 10.85 -10.01
CA LEU A 367 25.74 11.02 -9.67
C LEU A 367 24.93 11.33 -10.90
N GLY A 368 23.73 10.74 -11.01
CA GLY A 368 22.91 11.05 -12.15
C GLY A 368 21.44 10.83 -11.85
N SER A 369 20.64 11.00 -12.90
CA SER A 369 19.19 10.93 -12.82
C SER A 369 18.68 10.54 -14.20
N ASN A 370 17.46 10.01 -14.25
CA ASN A 370 16.82 9.71 -15.55
C ASN A 370 15.65 10.64 -15.80
N LYS A 371 15.35 11.55 -14.87
CA LYS A 371 14.16 12.36 -15.01
C LYS A 371 14.34 13.48 -16.04
N GLY A 372 15.56 13.76 -16.46
CA GLY A 372 15.69 14.64 -17.62
C GLY A 372 15.51 13.96 -18.95
N ASN A 373 15.48 12.62 -18.95
CA ASN A 373 15.18 11.90 -20.19
C ASN A 373 13.69 11.61 -20.31
N CYS A 374 13.07 11.16 -19.21
CA CYS A 374 11.73 10.56 -19.28
C CYS A 374 10.73 11.35 -18.45
N GLY A 375 11.13 12.46 -17.85
CA GLY A 375 10.28 13.13 -16.86
C GLY A 375 10.20 12.37 -15.54
N ASN A 376 9.37 12.90 -14.64
CA ASN A 376 9.13 12.33 -13.31
C ASN A 376 7.88 11.48 -13.43
N THR A 377 8.07 10.16 -13.50
CA THR A 377 6.92 9.24 -13.62
C THR A 377 6.26 8.94 -12.26
N GLU A 378 6.57 9.73 -11.21
CA GLU A 378 5.77 9.79 -9.99
C GLU A 378 5.81 8.43 -9.33
N ALA A 379 4.68 7.78 -9.08
CA ALA A 379 4.74 6.51 -8.37
C ALA A 379 5.61 5.49 -9.08
N ALA A 380 5.74 5.57 -10.40
CA ALA A 380 6.54 4.60 -11.14
C ALA A 380 8.03 4.94 -11.15
N SER A 381 8.41 6.10 -10.61
CA SER A 381 9.73 6.63 -10.93
C SER A 381 10.87 5.78 -10.36
N GLY A 382 10.69 5.14 -9.20
CA GLY A 382 11.79 4.37 -8.65
C GLY A 382 12.07 3.13 -9.46
N LEU A 383 11.05 2.60 -10.13
CA LEU A 383 11.28 1.45 -11.01
C LEU A 383 12.10 1.85 -12.23
N LEU A 384 11.82 3.02 -12.83
CA LEU A 384 12.67 3.50 -13.91
C LEU A 384 14.14 3.51 -13.45
N SER A 385 14.39 4.07 -12.26
CA SER A 385 15.78 4.17 -11.77
C SER A 385 16.39 2.79 -11.51
N LEU A 386 15.60 1.86 -10.95
CA LEU A 386 16.12 0.50 -10.71
C LEU A 386 16.47 -0.19 -12.00
N ILE A 387 15.62 -0.02 -13.04
CA ILE A 387 15.88 -0.65 -14.32
C ILE A 387 17.14 -0.06 -14.95
N LYS A 388 17.26 1.27 -14.95
CA LYS A 388 18.48 1.86 -15.51
C LYS A 388 19.72 1.37 -14.76
N ALA A 389 19.67 1.34 -13.41
CA ALA A 389 20.83 0.87 -12.65
C ALA A 389 21.15 -0.60 -12.97
N SER A 390 20.13 -1.44 -13.08
CA SER A 390 20.33 -2.85 -13.41
C SER A 390 20.94 -3.00 -14.79
N MET A 391 20.41 -2.26 -15.77
CA MET A 391 21.00 -2.31 -17.10
C MET A 391 22.46 -1.83 -17.09
N ALA A 392 22.76 -0.75 -16.34
CA ALA A 392 24.14 -0.24 -16.29
C ALA A 392 25.10 -1.29 -15.75
N LEU A 393 24.71 -1.98 -14.68
CA LEU A 393 25.56 -3.03 -14.12
C LEU A 393 25.70 -4.18 -15.08
N ASN A 394 24.61 -4.56 -15.74
CA ASN A 394 24.60 -5.68 -16.68
C ASN A 394 25.52 -5.38 -17.86
N LEU A 395 25.42 -4.15 -18.41
CA LEU A 395 26.17 -3.78 -19.62
C LEU A 395 27.54 -3.20 -19.33
N GLY A 396 27.82 -2.86 -18.08
CA GLY A 396 29.14 -2.38 -17.70
C GLY A 396 29.36 -0.90 -17.94
N VAL A 397 28.29 -0.13 -18.11
CA VAL A 397 28.42 1.31 -18.39
C VAL A 397 27.18 2.04 -17.88
N VAL A 398 27.39 3.20 -17.25
CA VAL A 398 26.30 4.05 -16.77
C VAL A 398 26.01 5.11 -17.82
N PRO A 399 24.78 5.21 -18.34
CA PRO A 399 24.42 6.32 -19.22
C PRO A 399 24.48 7.63 -18.46
N PRO A 400 24.88 8.72 -19.12
CA PRO A 400 25.00 10.01 -18.44
C PRO A 400 23.66 10.74 -18.36
N LEU A 401 23.68 11.84 -17.63
CA LEU A 401 22.65 12.87 -17.80
C LEU A 401 22.57 13.29 -19.27
N PRO A 402 21.39 13.61 -19.80
CA PRO A 402 21.32 13.89 -21.25
C PRO A 402 21.90 15.24 -21.60
N ASN A 403 21.85 16.21 -20.69
CA ASN A 403 22.29 17.56 -21.08
C ASN A 403 22.83 18.28 -19.85
N LEU A 404 23.96 17.81 -19.32
CA LEU A 404 24.58 18.50 -18.20
C LEU A 404 25.47 19.61 -18.74
N ALA A 405 25.19 20.86 -18.32
CA ALA A 405 26.12 21.96 -18.63
C ALA A 405 26.91 22.25 -17.35
N GLU A 406 26.57 23.32 -16.64
CA GLU A 406 27.28 23.59 -15.38
C GLU A 406 26.50 22.99 -14.21
N PRO A 407 27.15 22.28 -13.31
CA PRO A 407 26.46 21.78 -12.11
C PRO A 407 25.82 22.89 -11.28
N ASN A 408 24.76 22.52 -10.57
CA ASN A 408 24.09 23.38 -9.60
C ASN A 408 25.09 23.85 -8.53
N PRO A 409 25.40 25.16 -8.45
CA PRO A 409 26.40 25.59 -7.47
C PRO A 409 25.98 25.30 -6.03
N LYS A 410 24.66 25.20 -5.76
CA LYS A 410 24.17 24.98 -4.39
C LYS A 410 24.47 23.55 -3.93
N CYS A 411 24.74 22.65 -4.87
CA CYS A 411 25.17 21.30 -4.47
C CYS A 411 26.59 21.26 -3.95
N GLU A 412 27.38 22.30 -4.18
CA GLU A 412 28.77 22.38 -3.72
C GLU A 412 29.58 21.10 -4.00
N PHE A 413 29.61 20.71 -5.28
CA PHE A 413 30.35 19.49 -5.63
C PHE A 413 31.87 19.67 -5.50
N GLU A 414 32.36 20.92 -5.64
CA GLU A 414 33.80 21.16 -5.67
C GLU A 414 34.48 20.66 -4.40
N GLU A 415 35.68 20.12 -4.58
CA GLU A 415 36.47 19.61 -3.45
C GLU A 415 35.66 18.62 -2.61
N THR A 416 34.72 17.90 -3.24
CA THR A 416 34.14 16.69 -2.66
C THR A 416 34.30 15.53 -3.61
N LYS A 417 33.95 14.34 -3.10
CA LYS A 417 34.11 13.16 -3.93
C LYS A 417 32.96 13.01 -4.92
N PHE A 418 31.94 13.85 -4.85
CA PHE A 418 30.76 13.66 -5.70
C PHE A 418 30.83 14.50 -6.96
N GLU A 419 30.32 13.94 -8.06
CA GLU A 419 30.20 14.80 -9.21
C GLU A 419 29.11 14.29 -10.14
N PRO A 420 28.38 15.17 -10.75
CA PRO A 420 27.33 14.75 -11.69
C PRO A 420 27.91 14.20 -12.96
N LEU A 421 27.22 13.19 -13.50
CA LEU A 421 27.75 12.38 -14.58
C LEU A 421 27.32 12.96 -15.93
N GLY A 422 28.29 13.55 -16.66
CA GLY A 422 27.90 14.15 -17.93
C GLY A 422 28.30 13.37 -19.16
N LYS A 423 29.17 12.37 -19.00
CA LYS A 423 29.55 11.42 -20.04
C LYS A 423 29.40 10.01 -19.51
N GLN A 424 29.31 9.04 -20.42
CA GLN A 424 29.13 7.66 -19.94
C GLN A 424 30.28 7.22 -19.04
N LEU A 425 29.93 6.38 -18.06
CA LEU A 425 30.86 5.92 -17.02
C LEU A 425 31.08 4.43 -17.19
N ALA A 426 32.30 4.02 -17.58
CA ALA A 426 32.58 2.59 -17.60
C ALA A 426 32.71 2.04 -16.17
N LEU A 427 32.12 0.87 -15.93
CA LEU A 427 32.10 0.22 -14.63
C LEU A 427 33.07 -0.94 -14.64
N ALA A 428 33.77 -1.10 -13.54
CA ALA A 428 34.49 -2.32 -13.16
C ALA A 428 33.52 -3.38 -12.65
N PRO A 429 33.85 -4.66 -12.79
CA PRO A 429 32.87 -5.71 -12.46
C PRO A 429 32.44 -5.70 -10.98
N GLY A 430 33.30 -5.19 -10.08
CA GLY A 430 32.99 -5.06 -8.67
C GLY A 430 32.27 -3.77 -8.25
N ASP A 431 32.05 -2.83 -9.16
CA ASP A 431 31.46 -1.55 -8.78
C ASP A 431 30.01 -1.77 -8.40
N ARG A 432 29.55 -1.06 -7.37
CA ARG A 432 28.15 -1.10 -6.96
C ARG A 432 27.47 0.19 -7.34
N VAL A 433 26.14 0.12 -7.50
CA VAL A 433 25.32 1.28 -7.85
C VAL A 433 24.24 1.45 -6.77
N GLY A 434 24.03 2.67 -6.33
CA GLY A 434 22.94 2.97 -5.43
C GLY A 434 21.79 3.61 -6.20
N VAL A 435 20.59 3.51 -5.63
CA VAL A 435 19.38 4.06 -6.25
C VAL A 435 18.50 4.64 -5.16
N THR A 436 18.06 5.90 -5.34
CA THR A 436 17.21 6.60 -4.37
C THR A 436 15.88 7.01 -4.98
N SER A 437 14.80 6.91 -4.18
CA SER A 437 13.54 7.56 -4.55
C SER A 437 12.97 8.19 -3.30
N LEU A 438 12.29 9.34 -3.46
CA LEU A 438 11.81 10.17 -2.37
C LEU A 438 10.34 10.45 -2.62
N GLY A 439 9.56 10.47 -1.57
CA GLY A 439 8.11 10.69 -1.68
C GLY A 439 7.63 11.85 -0.84
N TYR A 440 6.63 12.56 -1.37
CA TYR A 440 5.95 13.66 -0.68
C TYR A 440 5.58 13.31 0.77
N GLY A 441 5.90 14.21 1.69
CA GLY A 441 5.66 13.97 3.11
C GLY A 441 6.82 13.36 3.86
N GLY A 442 7.88 12.94 3.16
CA GLY A 442 9.08 12.46 3.78
C GLY A 442 9.38 10.98 3.67
N SER A 443 8.78 10.26 2.71
CA SER A 443 9.13 8.85 2.57
C SER A 443 10.42 8.70 1.76
N ASN A 444 11.29 7.79 2.20
CA ASN A 444 12.62 7.64 1.60
C ASN A 444 12.85 6.18 1.25
N ALA A 445 13.70 5.93 0.25
CA ALA A 445 14.09 4.56 -0.08
C ALA A 445 15.47 4.61 -0.73
N HIS A 446 16.30 3.62 -0.40
CA HIS A 446 17.58 3.47 -1.09
C HIS A 446 17.86 2.00 -1.33
N VAL A 447 18.43 1.68 -2.51
CA VAL A 447 18.70 0.30 -2.89
C VAL A 447 20.15 0.24 -3.38
N VAL A 448 20.88 -0.82 -3.03
CA VAL A 448 22.26 -1.03 -3.49
C VAL A 448 22.25 -2.28 -4.36
N LEU A 449 22.79 -2.16 -5.59
CA LEU A 449 22.77 -3.25 -6.58
C LEU A 449 24.19 -3.56 -7.05
N ALA A 450 24.37 -4.80 -7.48
CA ALA A 450 25.68 -5.24 -7.99
C ALA A 450 25.45 -6.13 -9.20
N SER A 451 26.52 -6.32 -10.00
CA SER A 451 26.44 -7.18 -11.19
C SER A 451 26.17 -8.61 -10.81
N ALA A 452 25.34 -9.31 -11.61
CA ALA A 452 25.04 -10.72 -11.38
C ALA A 452 26.30 -11.60 -11.48
N GLN A 453 27.24 -11.19 -12.30
CA GLN A 453 28.48 -11.94 -12.53
C GLN A 453 29.36 -12.02 -11.29
N LEU A 454 29.11 -11.23 -10.26
CA LEU A 454 29.91 -11.43 -9.05
C LEU A 454 29.41 -12.61 -8.22
N PHE A 455 28.18 -13.07 -8.46
CA PHE A 455 27.52 -13.96 -7.54
C PHE A 455 27.53 -15.40 -8.02
N GLY A 456 28.32 -15.73 -9.05
CA GLY A 456 28.32 -17.16 -9.40
C GLY A 456 27.08 -17.68 -10.07
N VAL A 457 26.31 -16.80 -10.72
CA VAL A 457 25.12 -17.19 -11.47
C VAL A 457 25.33 -16.64 -12.88
N GLU A 458 24.57 -17.16 -13.83
CA GLU A 458 24.64 -16.72 -15.22
C GLU A 458 23.85 -15.43 -15.38
N GLN A 459 24.44 -14.46 -16.08
CA GLN A 459 23.76 -13.19 -16.28
C GLN A 459 22.75 -13.32 -17.42
N LYS A 460 21.60 -12.66 -17.25
CA LYS A 460 20.51 -12.66 -18.21
C LYS A 460 20.67 -11.43 -19.11
N ALA A 461 20.46 -11.60 -20.41
CA ALA A 461 20.58 -10.47 -21.34
C ALA A 461 19.26 -9.69 -21.41
N PHE A 462 19.37 -8.36 -21.39
CA PHE A 462 18.19 -7.52 -21.58
C PHE A 462 17.74 -7.48 -23.04
N PHE A 463 18.68 -7.69 -23.97
CA PHE A 463 18.40 -7.68 -25.39
C PHE A 463 19.60 -8.28 -26.07
N ASN B 6 8.73 -15.77 15.46
CA ASN B 6 7.95 -14.62 14.99
C ASN B 6 6.71 -14.45 15.86
N LEU B 7 6.89 -13.96 17.08
CA LEU B 7 5.77 -13.66 17.96
C LEU B 7 5.72 -12.16 18.18
N TYR B 8 4.51 -11.58 18.26
CA TYR B 8 4.39 -10.14 18.41
C TYR B 8 3.49 -9.78 19.58
N ALA B 9 3.85 -8.72 20.28
CA ALA B 9 3.05 -8.20 21.37
C ALA B 9 2.22 -7.00 20.91
N ILE B 10 0.92 -7.04 21.17
CA ILE B 10 0.09 -5.84 21.02
C ILE B 10 0.18 -5.01 22.30
N VAL B 11 0.67 -3.78 22.20
CA VAL B 11 1.02 -2.96 23.37
C VAL B 11 0.29 -1.63 23.40
N GLY B 12 -0.39 -1.22 22.33
CA GLY B 12 -1.19 0.00 22.36
C GLY B 12 -2.38 -0.16 21.43
N ILE B 13 -3.49 0.51 21.77
CA ILE B 13 -4.72 0.43 20.96
C ILE B 13 -5.48 1.75 21.04
N SER B 14 -6.15 2.11 19.93
CA SER B 14 -7.11 3.21 19.99
C SER B 14 -8.11 2.97 18.88
N CYS B 15 -9.39 3.30 19.10
CA CYS B 15 -10.36 3.01 18.03
C CYS B 15 -11.54 3.97 18.03
N ARG B 16 -12.10 4.17 16.83
CA ARG B 16 -13.35 4.89 16.64
C ARG B 16 -14.22 4.05 15.74
N PHE B 17 -15.27 3.43 16.28
CA PHE B 17 -16.16 2.57 15.52
C PHE B 17 -17.59 2.96 15.83
N PRO B 18 -18.57 2.49 15.04
CA PRO B 18 -19.98 2.79 15.39
C PRO B 18 -20.27 2.39 16.82
N GLY B 19 -20.73 3.36 17.60
CA GLY B 19 -21.06 3.12 18.99
C GLY B 19 -19.89 3.06 19.95
N ALA B 20 -18.64 3.28 19.51
CA ALA B 20 -17.51 3.02 20.40
C ALA B 20 -16.34 3.92 20.06
N ASN B 21 -15.93 4.76 21.01
CA ASN B 21 -14.69 5.53 20.86
C ASN B 21 -13.57 5.08 21.79
N THR B 22 -13.79 3.97 22.52
CA THR B 22 -12.79 3.33 23.38
C THR B 22 -13.01 1.82 23.32
N ALA B 23 -11.96 1.09 23.69
CA ALA B 23 -12.09 -0.36 23.75
C ALA B 23 -13.22 -0.76 24.69
N GLU B 24 -13.36 -0.04 25.82
CA GLU B 24 -14.41 -0.44 26.77
C GLU B 24 -15.80 -0.22 26.18
N GLN B 25 -16.03 0.92 25.50
CA GLN B 25 -17.31 1.11 24.83
C GLN B 25 -17.57 0.02 23.78
N LEU B 26 -16.53 -0.38 23.05
CA LEU B 26 -16.69 -1.45 22.06
C LEU B 26 -17.07 -2.76 22.75
N TRP B 27 -16.34 -3.12 23.82
CA TRP B 27 -16.66 -4.33 24.58
C TRP B 27 -18.12 -4.33 24.99
N ASN B 28 -18.62 -3.18 25.44
CA ASN B 28 -20.01 -3.10 25.88
C ASN B 28 -21.00 -3.27 24.73
N VAL B 29 -20.73 -2.68 23.55
CA VAL B 29 -21.59 -2.94 22.39
C VAL B 29 -21.71 -4.43 22.17
N LEU B 30 -20.57 -5.12 22.17
CA LEU B 30 -20.54 -6.53 21.80
C LEU B 30 -21.21 -7.38 22.89
N MET B 31 -20.88 -7.14 24.16
CA MET B 31 -21.42 -7.98 25.22
C MET B 31 -22.91 -7.73 25.44
N GLU B 32 -23.38 -6.50 25.21
CA GLU B 32 -24.80 -6.15 25.29
C GLU B 32 -25.57 -6.53 24.03
N GLN B 33 -24.90 -7.13 23.03
CA GLN B 33 -25.58 -7.65 21.85
C GLN B 33 -26.33 -6.53 21.12
N ARG B 34 -25.71 -5.35 21.07
CA ARG B 34 -26.29 -4.20 20.40
C ARG B 34 -25.84 -4.04 18.95
N ASP B 35 -26.76 -3.48 18.16
CA ASP B 35 -26.58 -3.01 16.79
C ASP B 35 -26.35 -1.51 16.94
N ALA B 36 -25.12 -1.03 16.65
CA ALA B 36 -24.80 0.37 16.82
C ALA B 36 -24.91 1.17 15.52
N ILE B 37 -25.52 0.60 14.50
CA ILE B 37 -25.78 1.32 13.25
C ILE B 37 -26.78 2.45 13.48
N THR B 38 -26.61 3.55 12.73
CA THR B 38 -27.50 4.71 12.83
C THR B 38 -28.65 4.55 11.86
N THR B 39 -29.87 4.83 12.33
CA THR B 39 -31.04 4.89 11.46
C THR B 39 -31.36 6.35 11.23
N PHE B 40 -31.53 6.74 9.98
CA PHE B 40 -31.76 8.14 9.62
C PHE B 40 -33.23 8.40 9.32
N CYS B 41 -33.66 9.61 9.62
CA CYS B 41 -34.99 10.02 9.13
C CYS B 41 -34.88 10.38 7.65
N PRO B 42 -35.59 9.71 6.76
CA PRO B 42 -35.25 9.87 5.34
C PRO B 42 -35.45 11.30 4.85
N ALA B 43 -34.57 11.70 3.93
CA ALA B 43 -34.73 12.97 3.22
C ALA B 43 -36.00 12.98 2.39
N GLU B 44 -36.55 14.19 2.20
CA GLU B 44 -37.61 14.38 1.23
C GLU B 44 -37.11 14.12 -0.19
N ASN B 45 -35.94 14.66 -0.53
CA ASN B 45 -35.32 14.46 -1.83
C ASN B 45 -33.97 13.75 -1.66
N LEU B 46 -33.74 12.72 -2.48
CA LEU B 46 -32.47 12.01 -2.38
C LEU B 46 -31.36 12.69 -3.19
N GLY B 47 -31.72 13.37 -4.28
CA GLY B 47 -30.72 13.98 -5.12
C GLY B 47 -30.28 13.12 -6.29
N PHE B 48 -30.78 11.90 -6.40
CA PHE B 48 -30.54 11.04 -7.55
C PHE B 48 -31.72 10.05 -7.59
N ALA B 49 -31.88 9.36 -8.72
CA ALA B 49 -32.94 8.37 -8.88
C ALA B 49 -32.37 6.96 -8.74
N LEU B 50 -33.22 6.01 -8.34
CA LEU B 50 -32.84 4.61 -8.18
C LEU B 50 -33.03 3.83 -9.46
N GLU B 51 -32.05 2.96 -9.72
CA GLU B 51 -32.20 1.94 -10.76
C GLU B 51 -33.35 1.00 -10.35
N GLU B 52 -33.94 0.35 -11.37
CA GLU B 52 -35.26 -0.28 -11.25
C GLU B 52 -35.32 -1.42 -10.24
N ASN B 53 -34.21 -2.11 -10.00
CA ASN B 53 -34.18 -3.18 -9.02
C ASN B 53 -33.33 -2.83 -7.82
N SER B 54 -33.17 -1.54 -7.55
CA SER B 54 -32.31 -1.07 -6.48
C SER B 54 -33.16 -0.49 -5.36
N VAL B 55 -32.50 -0.35 -4.22
CA VAL B 55 -33.14 -0.09 -2.93
C VAL B 55 -32.33 0.98 -2.22
N PHE B 56 -33.00 2.00 -1.63
CA PHE B 56 -32.29 2.92 -0.73
C PHE B 56 -32.64 2.58 0.72
N VAL B 57 -31.63 2.32 1.53
CA VAL B 57 -31.79 1.95 2.95
C VAL B 57 -31.27 3.10 3.78
N PRO B 58 -32.08 3.70 4.64
CA PRO B 58 -31.63 4.84 5.46
C PRO B 58 -30.94 4.41 6.76
N ARG B 59 -29.86 3.62 6.63
CA ARG B 59 -29.03 3.22 7.75
CA ARG B 59 -29.03 3.18 7.74
C ARG B 59 -27.57 3.33 7.36
N TYR B 60 -26.73 3.57 8.36
CA TYR B 60 -25.28 3.58 8.11
C TYR B 60 -24.54 3.50 9.42
N GLY B 61 -23.39 2.80 9.42
CA GLY B 61 -22.52 2.79 10.60
C GLY B 61 -21.73 4.09 10.72
N MET B 62 -22.27 5.10 11.42
CA MET B 62 -21.63 6.40 11.57
C MET B 62 -20.66 6.40 12.72
N ILE B 63 -19.57 7.19 12.59
CA ILE B 63 -18.74 7.51 13.73
C ILE B 63 -18.75 9.01 13.96
N ASP B 64 -18.39 9.39 15.17
CA ASP B 64 -18.48 10.76 15.66
C ASP B 64 -17.13 11.47 15.76
N ALA B 65 -16.06 10.80 15.35
CA ALA B 65 -14.71 11.13 15.80
C ALA B 65 -14.23 12.49 15.30
N LEU B 66 -14.68 12.93 14.14
CA LEU B 66 -14.07 14.10 13.53
C LEU B 66 -14.32 15.32 14.38
N LYS B 67 -15.34 15.25 15.24
CA LYS B 67 -15.68 16.36 16.14
C LYS B 67 -14.56 16.61 17.13
N ASP B 68 -13.92 15.55 17.63
CA ASP B 68 -12.86 15.64 18.62
C ASP B 68 -11.49 16.02 18.03
N PHE B 69 -11.38 16.22 16.72
CA PHE B 69 -10.06 16.54 16.15
C PHE B 69 -9.73 17.99 16.48
N GLU B 70 -8.58 18.21 17.10
CA GLU B 70 -8.12 19.57 17.39
C GLU B 70 -6.98 19.92 16.46
N PRO B 71 -7.21 20.76 15.44
CA PRO B 71 -6.16 21.08 14.48
C PRO B 71 -4.94 21.69 15.13
N SER B 72 -5.16 22.61 16.07
CA SER B 72 -4.07 23.22 16.81
C SER B 72 -3.14 22.17 17.41
N ALA B 73 -3.65 20.95 17.67
CA ALA B 73 -2.79 19.94 18.28
C ALA B 73 -1.75 19.38 17.32
N TYR B 74 -1.88 19.63 16.01
CA TYR B 74 -1.03 19.07 14.98
C TYR B 74 -0.49 20.19 14.08
N SER B 75 -0.28 21.36 14.67
CA SER B 75 0.24 22.54 13.98
C SER B 75 -0.54 22.80 12.70
N MET B 76 -1.84 22.94 12.87
CA MET B 76 -2.76 23.05 11.75
C MET B 76 -3.79 24.12 12.07
N SER B 77 -4.05 25.01 11.11
CA SER B 77 -5.13 25.98 11.28
C SER B 77 -6.47 25.30 11.11
N ASP B 78 -7.50 25.88 11.73
CA ASP B 78 -8.86 25.41 11.52
C ASP B 78 -9.21 25.41 10.03
N ALA B 79 -8.76 26.41 9.30
CA ALA B 79 -9.16 26.56 7.90
C ALA B 79 -8.47 25.54 7.02
N GLU B 80 -7.21 25.20 7.30
CA GLU B 80 -6.57 24.18 6.49
C GLU B 80 -7.07 22.79 6.86
N ALA B 81 -7.40 22.55 8.13
CA ALA B 81 -7.97 21.27 8.52
C ALA B 81 -9.27 21.00 7.76
N GLN B 82 -10.09 22.04 7.55
CA GLN B 82 -11.44 21.81 7.04
C GLN B 82 -11.42 21.18 5.65
N THR B 83 -10.32 21.26 4.93
CA THR B 83 -10.23 20.69 3.60
C THR B 83 -9.35 19.44 3.54
N ILE B 84 -8.97 18.89 4.67
CA ILE B 84 -8.16 17.66 4.69
C ILE B 84 -9.12 16.48 4.89
N ASP B 85 -8.89 15.41 4.14
CA ASP B 85 -9.63 14.16 4.33
C ASP B 85 -9.92 13.89 5.80
N PRO B 86 -11.18 13.74 6.22
CA PRO B 86 -11.44 13.27 7.59
C PRO B 86 -10.65 12.01 7.94
N GLN B 87 -10.41 11.11 6.96
CA GLN B 87 -9.65 9.91 7.25
C GLN B 87 -8.28 10.25 7.80
N LYS B 88 -7.64 11.29 7.23
CA LYS B 88 -6.30 11.69 7.69
C LYS B 88 -6.37 12.29 9.09
N ARG B 89 -7.36 13.17 9.31
CA ARG B 89 -7.52 13.81 10.61
C ARG B 89 -7.83 12.80 11.71
N VAL B 90 -8.85 11.94 11.50
CA VAL B 90 -9.18 10.96 12.52
C VAL B 90 -8.04 9.97 12.71
N PHE B 91 -7.33 9.62 11.63
CA PHE B 91 -6.25 8.67 11.82
C PHE B 91 -5.15 9.25 12.68
N LEU B 92 -4.83 10.55 12.52
CA LEU B 92 -3.85 11.19 13.39
C LEU B 92 -4.21 10.99 14.84
N ASP B 93 -5.47 11.23 15.18
CA ASP B 93 -5.92 11.05 16.57
C ASP B 93 -5.76 9.61 17.02
N VAL B 94 -6.19 8.60 16.22
CA VAL B 94 -6.11 7.24 16.76
C VAL B 94 -4.68 6.78 16.81
N ALA B 95 -3.85 7.19 15.84
CA ALA B 95 -2.45 6.77 15.95
C ALA B 95 -1.79 7.44 17.14
N ALA B 96 -2.07 8.72 17.35
CA ALA B 96 -1.47 9.41 18.50
C ALA B 96 -1.91 8.76 19.81
N ASP B 97 -3.20 8.45 19.93
CA ASP B 97 -3.70 7.82 21.16
C ASP B 97 -3.09 6.44 21.34
N ALA B 98 -2.97 5.66 20.27
CA ALA B 98 -2.40 4.32 20.41
C ALA B 98 -0.93 4.40 20.83
N LEU B 99 -0.17 5.35 20.30
CA LEU B 99 1.21 5.53 20.74
C LEU B 99 1.28 5.93 22.21
N ALA B 100 0.40 6.84 22.63
CA ALA B 100 0.35 7.20 24.04
C ALA B 100 0.05 6.00 24.90
N ASP B 101 -0.88 5.16 24.45
CA ASP B 101 -1.26 3.94 25.17
C ASP B 101 -0.06 3.01 25.30
N ALA B 102 0.79 2.96 24.28
CA ALA B 102 1.96 2.09 24.30
C ALA B 102 3.08 2.64 25.20
N GLY B 103 3.05 3.93 25.48
CA GLY B 103 4.02 4.56 26.37
C GLY B 103 5.43 4.40 25.86
N THR B 104 6.32 4.03 26.78
CA THR B 104 7.76 3.92 26.51
C THR B 104 8.11 2.87 25.47
N SER B 105 7.16 2.00 25.09
CA SER B 105 7.46 0.98 24.09
C SER B 105 7.73 1.61 22.72
N ALA B 106 6.91 2.57 22.29
CA ALA B 106 7.09 3.20 20.99
C ALA B 106 8.33 4.09 20.97
N PRO B 108 8.60 7.89 19.86
CA PRO B 108 8.34 8.32 18.49
C PRO B 108 9.52 9.02 17.77
N GLY B 109 9.93 10.20 18.26
CA GLY B 109 10.88 11.02 17.50
C GLY B 109 12.22 10.34 17.22
N ASN B 110 12.66 9.46 18.11
CA ASN B 110 14.02 8.90 18.04
C ASN B 110 14.21 8.06 16.77
N PRO B 111 15.35 8.19 16.08
CA PRO B 111 15.64 7.48 14.82
C PRO B 111 16.34 6.14 15.05
N ASP B 113 15.64 3.28 17.63
CA ASP B 113 14.36 2.59 17.83
C ASP B 113 13.28 3.27 16.99
N PRO B 114 13.29 2.98 15.69
CA PRO B 114 12.32 3.61 14.76
C PRO B 114 10.95 2.99 14.85
N VAL B 115 9.93 3.84 14.67
CA VAL B 115 8.53 3.37 14.68
C VAL B 115 8.04 3.40 13.23
N GLY B 116 7.64 2.23 12.69
CA GLY B 116 7.08 2.20 11.35
C GLY B 116 5.56 2.48 11.40
N VAL B 117 4.99 2.79 10.25
CA VAL B 117 3.56 3.14 10.17
C VAL B 117 3.03 2.37 8.98
N PHE B 118 2.06 1.45 9.18
CA PHE B 118 1.49 0.64 8.10
C PHE B 118 -0.02 0.85 8.18
N VAL B 119 -0.61 1.57 7.22
CA VAL B 119 -2.03 1.96 7.34
C VAL B 119 -2.81 1.42 6.14
N GLY B 120 -3.77 0.55 6.41
CA GLY B 120 -4.77 0.16 5.41
C GLY B 120 -5.86 1.20 5.35
N ALA B 121 -6.10 1.82 4.18
CA ALA B 121 -7.02 2.93 4.13
C ALA B 121 -7.87 2.89 2.88
N ALA B 122 -9.13 3.30 3.01
CA ALA B 122 -9.94 3.52 1.82
C ALA B 122 -9.43 4.70 1.01
N THR B 123 -9.85 4.73 -0.26
CA THR B 123 -9.58 5.89 -1.11
CA THR B 123 -9.49 5.90 -1.06
C THR B 123 -10.12 7.16 -0.47
N ASN B 124 -9.46 8.29 -0.72
CA ASN B 124 -9.98 9.58 -0.26
C ASN B 124 -11.19 9.97 -1.12
N THR B 125 -12.41 9.73 -0.63
CA THR B 125 -13.61 10.13 -1.34
C THR B 125 -14.08 11.52 -0.93
N PHE B 126 -13.58 12.04 0.20
CA PHE B 126 -13.91 13.38 0.67
C PHE B 126 -13.50 14.43 -0.35
N LEU B 127 -12.33 14.25 -0.95
CA LEU B 127 -11.63 15.31 -1.66
C LEU B 127 -12.50 15.90 -2.76
N SER B 128 -13.12 15.06 -3.57
CA SER B 128 -13.93 15.58 -4.65
C SER B 128 -15.43 15.63 -4.31
N SER B 129 -15.82 15.44 -3.05
CA SER B 129 -17.24 15.35 -2.69
C SER B 129 -17.80 16.72 -2.34
N ARG B 130 -19.12 16.84 -2.45
CA ARG B 130 -19.86 18.00 -1.95
C ARG B 130 -19.59 18.29 -0.46
N ASP B 131 -19.08 17.32 0.30
CA ASP B 131 -18.88 17.52 1.72
C ASP B 131 -17.56 18.21 2.00
N ASN B 132 -16.70 18.32 1.00
CA ASN B 132 -15.44 19.06 1.13
C ASN B 132 -15.72 20.55 0.88
N PRO B 133 -15.58 21.39 1.91
CA PRO B 133 -15.81 22.84 1.70
C PRO B 133 -15.00 23.39 0.54
N GLY B 134 -13.86 22.78 0.22
CA GLY B 134 -13.04 23.26 -0.89
C GLY B 134 -13.31 22.58 -2.22
N SER B 135 -14.47 21.92 -2.34
CA SER B 135 -14.91 21.30 -3.60
C SER B 135 -15.53 22.37 -4.49
N GLU B 141 -16.04 27.08 -10.61
CA GLU B 141 -14.69 26.64 -10.99
C GLU B 141 -13.66 27.78 -10.86
N GLU B 142 -12.76 27.65 -9.89
CA GLU B 142 -11.75 28.66 -9.61
C GLU B 142 -10.69 28.70 -10.71
N PRO B 143 -10.00 29.83 -10.89
CA PRO B 143 -8.79 29.81 -11.73
C PRO B 143 -7.81 28.78 -11.22
N GLN B 144 -7.11 28.12 -12.14
CA GLN B 144 -6.32 26.94 -11.78
C GLN B 144 -4.85 27.28 -11.56
N SER B 145 -4.30 26.72 -10.49
CA SER B 145 -2.90 26.84 -10.09
C SER B 145 -2.36 25.42 -9.88
N PHE B 146 -1.04 25.32 -9.69
CA PHE B 146 -0.46 24.01 -9.33
C PHE B 146 -1.16 23.39 -8.14
N ALA B 147 -1.42 24.19 -7.10
CA ALA B 147 -1.98 23.64 -5.86
C ALA B 147 -3.40 23.13 -6.01
N ASN B 148 -4.25 23.81 -6.80
CA ASN B 148 -5.64 23.34 -6.87
C ASN B 148 -5.93 22.52 -8.11
N HIS B 149 -4.96 22.38 -9.03
CA HIS B 149 -5.20 21.60 -10.24
C HIS B 149 -4.79 20.14 -10.09
N TYR B 150 -3.95 19.83 -9.11
CA TYR B 150 -3.36 18.51 -8.87
C TYR B 150 -3.66 18.08 -7.45
N GLN B 151 -4.92 18.23 -7.04
CA GLN B 151 -5.21 17.94 -5.64
C GLN B 151 -5.03 16.46 -5.29
N GLN B 152 -5.27 15.53 -6.20
CA GLN B 152 -4.90 14.15 -5.90
C GLN B 152 -3.38 13.96 -5.72
N LEU B 153 -2.57 14.46 -6.65
CA LEU B 153 -1.12 14.37 -6.48
C LEU B 153 -0.70 14.89 -5.11
N LEU B 154 -1.25 16.04 -4.71
CA LEU B 154 -0.83 16.70 -3.50
C LEU B 154 -1.54 16.19 -2.26
N ASP B 155 -2.43 15.20 -2.44
CA ASP B 155 -3.02 14.50 -1.32
C ASP B 155 -1.95 13.58 -0.73
N CYS B 156 -1.30 14.06 0.32
CA CYS B 156 -0.26 13.26 0.94
C CYS B 156 -0.88 11.95 1.43
N PRO B 157 -0.26 10.80 1.18
CA PRO B 157 -0.87 9.54 1.66
C PRO B 157 -0.99 9.53 3.18
N ILE B 158 -2.07 8.93 3.67
CA ILE B 158 -2.40 9.01 5.10
C ILE B 158 -1.24 8.58 5.97
N GLY B 159 -0.62 7.44 5.64
CA GLY B 159 0.49 6.93 6.44
C GLY B 159 1.64 7.93 6.54
N THR B 160 2.06 8.49 5.40
CA THR B 160 3.18 9.46 5.44
C THR B 160 2.79 10.70 6.22
N PHE B 161 1.55 11.15 6.04
CA PHE B 161 1.08 12.34 6.76
C PHE B 161 1.18 12.11 8.27
N ALA B 162 0.83 10.91 8.72
CA ALA B 162 0.99 10.52 10.13
C ALA B 162 2.45 10.53 10.55
N SER B 163 3.33 9.94 9.71
CA SER B 163 4.76 9.94 10.07
C SER B 163 5.26 11.36 10.29
N PHE B 164 4.89 12.28 9.40
CA PHE B 164 5.31 13.66 9.50
C PHE B 164 4.76 14.32 10.76
N LYS B 165 3.45 14.23 10.97
CA LYS B 165 2.83 14.99 12.06
C LYS B 165 3.17 14.41 13.42
N LEU B 166 3.38 13.09 13.51
CA LEU B 166 3.71 12.45 14.78
C LEU B 166 5.22 12.19 14.96
N ASN B 167 6.05 12.59 13.98
CA ASN B 167 7.51 12.41 14.07
C ASN B 167 7.91 10.95 14.21
N LEU B 168 7.45 10.12 13.28
CA LEU B 168 7.79 8.71 13.24
C LEU B 168 8.73 8.48 12.06
N THR B 169 9.73 7.63 12.25
CA THR B 169 10.83 7.58 11.26
C THR B 169 11.11 6.21 10.70
N GLY B 170 10.35 5.16 11.08
CA GLY B 170 10.50 3.85 10.50
C GLY B 170 9.84 3.80 9.13
N PRO B 171 9.82 2.60 8.52
CA PRO B 171 9.10 2.42 7.26
C PRO B 171 7.69 2.99 7.35
N VAL B 172 7.24 3.60 6.26
CA VAL B 172 5.87 4.06 6.14
C VAL B 172 5.23 3.49 4.87
N VAL B 173 3.99 3.01 5.01
CA VAL B 173 3.21 2.45 3.90
CA VAL B 173 3.23 2.60 3.84
C VAL B 173 1.76 2.83 4.11
N THR B 174 1.08 3.31 3.07
CA THR B 174 -0.37 3.38 3.00
C THR B 174 -0.81 2.41 1.93
N LEU B 175 -1.81 1.55 2.22
CA LEU B 175 -2.09 0.47 1.27
C LEU B 175 -3.58 0.23 1.20
N ASN B 176 -3.97 -0.46 0.13
CA ASN B 176 -5.37 -0.86 -0.01
C ASN B 176 -5.46 -2.26 -0.55
N THR B 177 -6.06 -3.15 0.25
CA THR B 177 -6.52 -4.45 -0.23
C THR B 177 -8.00 -4.58 0.13
N ALA B 178 -8.75 -3.50 -0.10
CA ALA B 178 -10.22 -3.48 0.13
C ALA B 178 -10.49 -3.90 1.57
N CYS B 179 -11.46 -4.80 1.80
CA CYS B 179 -11.84 -5.06 3.18
C CYS B 179 -10.78 -5.81 3.99
N SER B 180 -9.70 -6.33 3.39
CA SER B 180 -8.66 -6.94 4.18
C SER B 180 -7.53 -5.99 4.54
N SER B 181 -7.69 -4.69 4.24
CA SER B 181 -6.57 -3.74 4.27
C SER B 181 -5.90 -3.68 5.65
N ALA B 182 -6.70 -3.74 6.73
CA ALA B 182 -6.13 -3.58 8.07
C ALA B 182 -5.25 -4.78 8.43
N LEU B 183 -5.67 -5.99 8.03
CA LEU B 183 -4.82 -7.13 8.36
C LEU B 183 -3.68 -7.22 7.36
N ALA B 184 -3.88 -6.72 6.12
CA ALA B 184 -2.70 -6.62 5.24
C ALA B 184 -1.63 -5.72 5.85
N ALA B 185 -2.04 -4.62 6.47
CA ALA B 185 -1.08 -3.72 7.09
C ALA B 185 -0.42 -4.41 8.29
N LEU B 186 -1.21 -5.15 9.07
CA LEU B 186 -0.63 -5.94 10.16
C LEU B 186 0.45 -6.87 9.65
N HIS B 187 0.15 -7.63 8.57
CA HIS B 187 1.11 -8.57 8.04
C HIS B 187 2.42 -7.86 7.68
N LEU B 188 2.32 -6.72 6.98
CA LEU B 188 3.52 -6.02 6.56
C LEU B 188 4.34 -5.53 7.75
N ALA B 189 3.64 -5.03 8.77
CA ALA B 189 4.31 -4.56 9.99
C ALA B 189 5.06 -5.70 10.67
N CYS B 190 4.44 -6.88 10.77
CA CYS B 190 5.06 -8.06 11.35
C CYS B 190 6.30 -8.48 10.55
N ALA B 191 6.17 -8.51 9.22
CA ALA B 191 7.33 -8.84 8.40
C ALA B 191 8.43 -7.81 8.58
N SER B 192 8.07 -6.53 8.65
CA SER B 192 9.09 -5.49 8.79
CA SER B 192 9.07 -5.47 8.81
C SER B 192 9.78 -5.55 10.16
N LEU B 193 9.02 -5.80 11.23
CA LEU B 193 9.65 -6.00 12.53
C LEU B 193 10.63 -7.18 12.49
N SER B 194 10.21 -8.30 11.87
CA SER B 194 11.05 -9.49 11.80
C SER B 194 12.24 -9.29 10.88
N HIS B 195 12.12 -8.39 9.91
CA HIS B 195 13.25 -8.04 9.06
C HIS B 195 14.22 -7.07 9.72
N GLY B 196 13.88 -6.52 10.90
CA GLY B 196 14.75 -5.55 11.56
C GLY B 196 14.65 -4.13 11.06
N ASP B 197 13.56 -3.77 10.36
CA ASP B 197 13.43 -2.43 9.79
C ASP B 197 12.93 -1.42 10.80
N CYS B 198 12.32 -1.89 11.90
CA CYS B 198 11.92 -0.97 12.95
C CYS B 198 11.82 -1.79 14.24
N ASN B 199 11.59 -1.08 15.32
CA ASN B 199 11.45 -1.72 16.64
C ASN B 199 10.04 -1.66 17.20
N ALA B 200 9.16 -0.86 16.62
CA ALA B 200 7.73 -0.93 16.92
C ALA B 200 7.02 -0.47 15.66
N ALA B 201 5.72 -0.77 15.56
CA ALA B 201 4.96 -0.42 14.36
C ALA B 201 3.57 0.04 14.76
N VAL B 202 3.14 1.15 14.19
CA VAL B 202 1.71 1.51 14.19
C VAL B 202 1.03 0.75 13.05
N VAL B 203 -0.06 0.05 13.36
CA VAL B 203 -0.84 -0.69 12.38
C VAL B 203 -2.22 -0.05 12.34
N GLY B 204 -2.58 0.50 11.18
CA GLY B 204 -3.81 1.28 11.12
C GLY B 204 -4.83 0.73 10.15
N GLY B 205 -6.09 1.10 10.39
CA GLY B 205 -7.17 0.78 9.45
C GLY B 205 -8.14 1.95 9.46
N VAL B 206 -8.49 2.51 8.32
CA VAL B 206 -9.41 3.65 8.34
C VAL B 206 -10.27 3.66 7.08
N SER B 207 -11.57 3.93 7.25
CA SER B 207 -12.46 4.07 6.10
C SER B 207 -13.54 5.08 6.53
N MET B 208 -13.57 6.24 5.87
CA MET B 208 -14.65 7.20 6.06
C MET B 208 -15.10 7.65 4.67
N ALA B 209 -16.37 7.41 4.35
CA ALA B 209 -16.88 7.49 2.97
C ALA B 209 -17.72 8.76 2.76
N TYR B 210 -17.47 9.47 1.64
CA TYR B 210 -18.16 10.68 1.23
C TYR B 210 -18.59 10.59 -0.24
N PRO B 211 -19.68 11.32 -0.61
CA PRO B 211 -20.57 12.13 0.26
C PRO B 211 -21.42 11.30 1.22
N GLN B 212 -21.78 11.91 2.36
CA GLN B 212 -22.66 11.27 3.32
C GLN B 212 -24.09 11.48 2.85
N GLU B 213 -24.85 10.39 2.77
CA GLU B 213 -26.16 10.41 2.15
C GLU B 213 -27.24 9.91 3.10
N GLY B 214 -26.88 9.60 4.34
CA GLY B 214 -27.92 9.13 5.28
C GLY B 214 -28.41 7.75 4.91
N GLY B 215 -27.54 6.95 4.31
CA GLY B 215 -27.93 5.58 3.97
C GLY B 215 -27.16 5.12 2.75
N TYR B 216 -27.66 4.07 2.10
CA TYR B 216 -26.92 3.46 0.99
C TYR B 216 -27.86 2.82 0.00
N VAL B 217 -27.32 2.55 -1.20
CA VAL B 217 -28.02 1.90 -2.29
C VAL B 217 -27.60 0.45 -2.37
N THR B 218 -28.56 -0.46 -2.56
CA THR B 218 -28.22 -1.84 -2.83
C THR B 218 -29.25 -2.44 -3.78
N ALA B 219 -29.14 -3.75 -4.03
CA ALA B 219 -30.09 -4.43 -4.89
C ALA B 219 -31.12 -5.19 -4.06
N ARG B 220 -32.29 -5.42 -4.66
CA ARG B 220 -33.25 -6.36 -4.10
C ARG B 220 -32.60 -7.73 -3.91
N PRO B 221 -32.97 -8.48 -2.86
CA PRO B 221 -32.46 -9.85 -2.69
C PRO B 221 -32.94 -10.75 -3.82
N SER B 226 -24.00 -9.93 -6.71
CA SER B 226 -23.13 -8.74 -6.85
C SER B 226 -23.23 -7.78 -5.64
N ALA B 227 -24.40 -7.15 -5.48
CA ALA B 227 -24.60 -6.26 -4.34
C ALA B 227 -24.46 -7.07 -3.04
N VAL B 228 -23.65 -6.57 -2.11
CA VAL B 228 -23.47 -7.22 -0.83
C VAL B 228 -24.11 -6.46 0.32
N PHE B 229 -24.61 -5.23 0.07
CA PHE B 229 -25.26 -4.46 1.13
C PHE B 229 -26.69 -4.99 1.38
N SER B 230 -27.07 -5.03 2.67
CA SER B 230 -28.36 -5.60 3.13
C SER B 230 -29.54 -4.72 2.69
N PRO B 231 -30.53 -5.27 1.98
CA PRO B 231 -31.68 -4.42 1.64
C PRO B 231 -32.62 -4.23 2.81
N SER B 232 -32.43 -4.97 3.90
CA SER B 232 -33.23 -4.76 5.13
C SER B 232 -32.53 -3.86 6.13
N GLY B 233 -31.28 -3.47 5.86
CA GLY B 233 -30.59 -2.64 6.82
C GLY B 233 -30.13 -3.36 8.07
N VAL B 234 -30.10 -4.71 8.08
CA VAL B 234 -29.70 -5.47 9.25
C VAL B 234 -28.77 -6.59 8.79
N CYS B 235 -27.63 -6.73 9.48
CA CYS B 235 -26.66 -7.76 9.15
C CYS B 235 -26.83 -8.93 10.13
N HIS B 236 -27.18 -10.09 9.62
CA HIS B 236 -27.31 -11.36 10.38
C HIS B 236 -26.23 -12.37 10.04
N PRO B 237 -25.01 -12.27 10.58
CA PRO B 237 -23.95 -13.20 10.15
C PRO B 237 -24.29 -14.64 10.54
N LEU B 238 -24.04 -15.56 9.60
CA LEU B 238 -24.06 -17.01 9.78
C LEU B 238 -25.48 -17.55 9.94
N ASP B 239 -26.49 -16.74 9.62
CA ASP B 239 -27.89 -16.90 10.05
C ASP B 239 -28.76 -17.12 8.81
N SER B 240 -29.87 -17.85 8.96
CA SER B 240 -30.67 -18.05 7.74
C SER B 240 -31.39 -16.76 7.26
N ARG B 241 -31.46 -15.71 8.08
CA ARG B 241 -32.05 -14.43 7.69
C ARG B 241 -31.02 -13.50 7.00
N ALA B 242 -29.81 -13.98 6.80
CA ALA B 242 -28.77 -13.13 6.21
C ALA B 242 -29.17 -12.60 4.85
N ASP B 243 -28.85 -11.30 4.63
CA ASP B 243 -29.15 -10.71 3.33
C ASP B 243 -28.10 -9.67 2.95
N GLY B 244 -26.94 -9.74 3.56
CA GLY B 244 -25.81 -8.82 3.28
C GLY B 244 -25.39 -8.03 4.51
N CYS B 245 -24.47 -7.06 4.25
CA CYS B 245 -23.87 -6.30 5.33
C CYS B 245 -24.36 -4.85 5.26
N VAL B 246 -24.12 -4.12 6.35
CA VAL B 246 -24.46 -2.71 6.41
C VAL B 246 -23.15 -1.92 6.36
N PRO B 247 -22.94 -1.06 5.39
CA PRO B 247 -21.69 -0.29 5.36
C PRO B 247 -21.53 0.65 6.57
N ALA B 248 -20.27 0.90 6.92
CA ALA B 248 -19.94 1.66 8.12
C ALA B 248 -18.57 2.31 7.95
N ASP B 249 -18.35 3.41 8.67
CA ASP B 249 -17.03 4.06 8.82
C ASP B 249 -16.33 3.55 10.05
N GLY B 250 -15.00 3.69 10.08
CA GLY B 250 -14.25 3.27 11.26
C GLY B 250 -12.80 3.68 11.15
N ALA B 251 -12.12 3.77 12.30
CA ALA B 251 -10.69 4.12 12.28
C ALA B 251 -10.08 3.51 13.52
N ALA B 252 -8.93 2.84 13.37
CA ALA B 252 -8.33 2.26 14.57
C ALA B 252 -6.84 2.09 14.33
N ALA B 253 -6.11 1.95 15.44
CA ALA B 253 -4.66 1.70 15.35
C ALA B 253 -4.22 0.81 16.49
N LEU B 254 -3.27 -0.08 16.20
CA LEU B 254 -2.58 -0.87 17.21
C LEU B 254 -1.12 -0.43 17.19
N VAL B 255 -0.44 -0.62 18.30
CA VAL B 255 1.02 -0.57 18.33
C VAL B 255 1.53 -1.97 18.62
N ILE B 256 2.45 -2.48 17.78
CA ILE B 256 2.97 -3.83 18.00
C ILE B 256 4.49 -3.81 18.08
N LYS B 257 5.01 -4.80 18.79
CA LYS B 257 6.45 -4.95 19.01
C LYS B 257 6.77 -6.43 18.88
N ARG B 258 8.05 -6.73 18.62
CA ARG B 258 8.49 -8.12 18.75
C ARG B 258 8.30 -8.56 20.21
N LEU B 259 7.81 -9.79 20.39
CA LEU B 259 7.48 -10.27 21.73
C LEU B 259 8.72 -10.30 22.63
N ALA B 260 9.85 -10.76 22.08
CA ALA B 260 11.09 -10.76 22.87
C ALA B 260 11.41 -9.37 23.44
N ASP B 261 11.18 -8.31 22.66
CA ASP B 261 11.50 -6.97 23.13
C ASP B 261 10.53 -6.50 24.19
N ALA B 262 9.24 -6.79 24.00
CA ALA B 262 8.25 -6.45 25.03
C ALA B 262 8.62 -7.09 26.35
N ARG B 263 9.00 -8.37 26.31
CA ARG B 263 9.37 -9.09 27.52
C ARG B 263 10.60 -8.46 28.16
N ALA B 264 11.68 -8.31 27.37
CA ALA B 264 12.92 -7.75 27.92
C ALA B 264 12.71 -6.39 28.55
N ASP B 265 11.90 -5.54 27.93
CA ASP B 265 11.66 -4.21 28.45
C ASP B 265 10.57 -4.16 29.51
N GLY B 266 9.98 -5.30 29.88
CA GLY B 266 8.90 -5.32 30.85
C GLY B 266 7.61 -4.63 30.44
N CYS B 267 7.31 -4.56 29.15
CA CYS B 267 6.09 -3.91 28.68
C CYS B 267 4.87 -4.77 29.04
N ARG B 268 3.77 -4.11 29.38
CA ARG B 268 2.52 -4.85 29.49
C ARG B 268 1.95 -5.12 28.10
N VAL B 269 1.35 -6.29 27.93
CA VAL B 269 0.91 -6.81 26.63
C VAL B 269 -0.58 -7.12 26.70
N TYR B 270 -1.34 -6.65 25.69
CA TYR B 270 -2.78 -6.93 25.64
C TYR B 270 -3.08 -8.36 25.23
N ALA B 271 -2.33 -8.89 24.26
CA ALA B 271 -2.51 -10.20 23.65
C ALA B 271 -1.33 -10.38 22.71
N VAL B 272 -1.09 -11.62 22.32
CA VAL B 272 0.07 -12.01 21.52
C VAL B 272 -0.42 -12.48 20.16
N ILE B 273 0.25 -12.00 19.10
CA ILE B 273 0.05 -12.53 17.76
C ILE B 273 0.97 -13.72 17.59
N GLU B 274 0.38 -14.89 17.39
CA GLU B 274 1.16 -16.10 17.30
C GLU B 274 1.42 -16.53 15.86
N GLY B 275 0.61 -16.06 14.91
CA GLY B 275 0.81 -16.49 13.52
C GLY B 275 0.05 -15.52 12.64
N VAL B 276 0.63 -15.13 11.49
CA VAL B 276 -0.13 -14.28 10.56
C VAL B 276 0.22 -14.71 9.13
N ALA B 277 -0.79 -14.75 8.27
CA ALA B 277 -0.53 -15.05 6.86
C ALA B 277 -1.52 -14.26 6.00
N VAL B 278 -1.09 -13.91 4.79
CA VAL B 278 -1.97 -13.33 3.79
C VAL B 278 -1.74 -14.06 2.48
N SER B 279 -2.70 -13.91 1.57
CA SER B 279 -2.58 -14.52 0.25
C SER B 279 -3.58 -13.86 -0.67
N ALA B 280 -3.55 -14.25 -1.94
CA ALA B 280 -4.57 -13.84 -2.90
C ALA B 280 -5.19 -15.12 -3.44
N ASP B 281 -6.49 -15.07 -3.73
CA ASP B 281 -7.17 -16.25 -4.31
C ASP B 281 -6.57 -16.65 -5.65
N GLY B 282 -6.02 -15.69 -6.41
CA GLY B 282 -5.80 -16.02 -7.80
C GLY B 282 -7.16 -16.19 -8.50
N SER B 283 -7.21 -17.08 -9.48
CA SER B 283 -8.48 -17.25 -10.19
C SER B 283 -9.02 -18.67 -10.16
N ASP B 284 -8.32 -19.61 -9.52
CA ASP B 284 -8.83 -20.98 -9.45
C ASP B 284 -9.93 -21.08 -8.40
N ASP B 285 -10.91 -21.92 -8.68
CA ASP B 285 -12.02 -22.15 -7.74
C ASP B 285 -12.60 -20.82 -7.25
N LYS B 286 -12.88 -19.92 -8.20
CA LYS B 286 -13.34 -18.58 -7.85
C LYS B 286 -14.36 -18.13 -8.88
N ALA B 287 -15.59 -17.86 -8.43
CA ALA B 287 -16.67 -17.62 -9.38
C ALA B 287 -16.40 -16.38 -10.23
N GLY B 288 -15.84 -15.33 -9.64
CA GLY B 288 -15.51 -14.13 -10.38
C GLY B 288 -14.76 -13.17 -9.48
N LEU B 289 -14.50 -11.98 -9.97
CA LEU B 289 -13.66 -11.05 -9.19
C LEU B 289 -14.27 -10.79 -7.81
N GLY B 290 -15.59 -10.69 -7.73
CA GLY B 290 -16.23 -10.34 -6.48
C GLY B 290 -16.80 -11.49 -5.70
N VAL B 291 -16.42 -12.72 -6.00
CA VAL B 291 -16.86 -13.88 -5.22
C VAL B 291 -15.66 -14.54 -4.56
N PRO B 292 -15.56 -14.54 -3.22
CA PRO B 292 -14.38 -15.16 -2.58
C PRO B 292 -14.30 -16.65 -2.91
N SER B 293 -13.07 -17.14 -2.93
CA SER B 293 -12.77 -18.56 -3.12
C SER B 293 -12.62 -19.25 -1.75
N SER B 294 -13.39 -20.33 -1.48
CA SER B 294 -13.12 -21.03 -0.24
CA SER B 294 -13.14 -21.10 -0.27
C SER B 294 -11.74 -21.68 -0.28
N SER B 295 -11.24 -22.06 -1.48
CA SER B 295 -9.91 -22.65 -1.58
C SER B 295 -8.84 -21.66 -1.20
N GLY B 296 -8.89 -20.45 -1.76
CA GLY B 296 -7.88 -19.48 -1.41
C GLY B 296 -7.89 -19.15 0.08
N GLN B 297 -9.07 -18.96 0.65
CA GLN B 297 -9.13 -18.68 2.08
C GLN B 297 -8.49 -19.81 2.88
N SER B 298 -8.82 -21.04 2.51
CA SER B 298 -8.33 -22.15 3.31
C SER B 298 -6.80 -22.17 3.33
N ARG B 299 -6.15 -21.81 2.20
CA ARG B 299 -4.69 -21.79 2.17
C ARG B 299 -4.13 -20.76 3.14
N THR B 300 -4.79 -19.60 3.24
CA THR B 300 -4.37 -18.56 4.17
C THR B 300 -4.53 -19.00 5.63
N VAL B 301 -5.67 -19.60 5.94
CA VAL B 301 -5.90 -20.06 7.32
C VAL B 301 -4.90 -21.14 7.66
N GLU B 302 -4.67 -22.07 6.74
CA GLU B 302 -3.70 -23.11 6.96
C GLU B 302 -2.30 -22.55 7.20
N ALA B 303 -1.88 -21.57 6.40
CA ALA B 303 -0.52 -21.02 6.56
C ALA B 303 -0.36 -20.32 7.90
N ALA B 304 -1.39 -19.56 8.33
CA ALA B 304 -1.30 -18.88 9.61
C ALA B 304 -1.18 -19.89 10.73
N LEU B 305 -2.00 -20.95 10.69
CA LEU B 305 -1.95 -21.94 11.77
C LEU B 305 -0.63 -22.72 11.76
N ARG B 306 -0.06 -22.97 10.59
CA ARG B 306 1.26 -23.62 10.55
C ARG B 306 2.33 -22.73 11.16
N ARG B 307 2.28 -21.42 10.89
CA ARG B 307 3.15 -20.46 11.56
C ARG B 307 2.92 -20.43 13.06
N ALA B 308 1.66 -20.45 13.49
CA ALA B 308 1.39 -20.42 14.93
C ALA B 308 1.91 -21.69 15.61
N GLY B 309 1.87 -22.83 14.93
CA GLY B 309 2.46 -24.07 15.44
C GLY B 309 1.45 -25.07 15.95
N PRO B 310 1.94 -26.27 16.28
CA PRO B 310 1.04 -27.39 16.64
C PRO B 310 0.27 -27.18 17.91
N GLN B 311 0.85 -26.54 18.93
CA GLN B 311 0.10 -26.31 20.15
C GLN B 311 -1.05 -25.34 19.88
N ALA B 312 -0.75 -24.23 19.20
CA ALA B 312 -1.79 -23.27 18.86
C ALA B 312 -2.91 -23.93 18.08
N LEU B 313 -2.57 -24.78 17.10
CA LEU B 313 -3.61 -25.45 16.32
C LEU B 313 -4.46 -26.33 17.22
N SER B 314 -3.83 -27.04 18.15
CA SER B 314 -4.57 -27.97 19.01
C SER B 314 -5.54 -27.22 19.90
N ARG B 315 -5.27 -25.95 20.17
CA ARG B 315 -6.08 -25.16 21.08
C ARG B 315 -6.95 -24.13 20.35
N LEU B 316 -7.06 -24.20 19.03
CA LEU B 316 -7.80 -23.18 18.29
C LEU B 316 -9.29 -23.41 18.55
N ARG B 317 -9.89 -22.48 19.30
CA ARG B 317 -11.22 -22.67 19.87
C ARG B 317 -12.31 -21.81 19.24
N TYR B 318 -11.95 -20.68 18.61
CA TYR B 318 -12.94 -19.71 18.19
C TYR B 318 -12.32 -18.92 17.03
N VAL B 319 -13.13 -18.63 15.99
CA VAL B 319 -12.66 -17.77 14.87
C VAL B 319 -13.57 -16.55 14.79
N GLU B 320 -12.97 -15.36 14.83
CA GLU B 320 -13.66 -14.13 14.47
C GLU B 320 -13.57 -14.02 12.95
N MET B 321 -14.65 -14.46 12.29
CA MET B 321 -14.71 -14.52 10.85
C MET B 321 -14.79 -13.10 10.26
N HIS B 322 -14.54 -13.02 8.94
CA HIS B 322 -14.94 -11.82 8.22
C HIS B 322 -16.45 -11.67 8.36
N GLY B 323 -17.18 -12.75 8.04
CA GLY B 323 -18.57 -12.91 8.51
C GLY B 323 -19.47 -11.74 8.16
N SER B 324 -19.48 -11.34 6.89
CA SER B 324 -20.20 -10.10 6.59
C SER B 324 -21.68 -10.32 6.34
N GLY B 325 -22.19 -11.55 6.42
CA GLY B 325 -23.65 -11.69 6.41
C GLY B 325 -24.30 -11.78 5.04
N THR B 326 -23.50 -11.95 3.95
CA THR B 326 -24.15 -12.45 2.76
C THR B 326 -24.29 -13.97 2.89
N PRO B 327 -25.38 -14.53 2.43
CA PRO B 327 -25.57 -15.98 2.64
C PRO B 327 -24.51 -16.80 1.92
N TRP B 328 -24.17 -16.39 0.70
CA TRP B 328 -23.17 -17.12 -0.08
C TRP B 328 -21.77 -16.88 0.48
N GLY B 329 -21.44 -15.63 0.78
CA GLY B 329 -20.12 -15.36 1.34
C GLY B 329 -19.88 -16.05 2.67
N ASP B 330 -20.88 -16.04 3.56
CA ASP B 330 -20.70 -16.74 4.84
C ASP B 330 -20.49 -18.23 4.62
N ALA B 331 -21.24 -18.83 3.70
CA ALA B 331 -21.10 -20.27 3.46
C ALA B 331 -19.73 -20.61 2.86
N LEU B 332 -19.25 -19.79 1.95
CA LEU B 332 -17.91 -19.99 1.36
C LEU B 332 -16.84 -19.84 2.43
N GLU B 333 -17.02 -18.90 3.37
CA GLU B 333 -16.01 -18.71 4.41
C GLU B 333 -16.01 -19.88 5.37
N VAL B 334 -17.18 -20.38 5.74
CA VAL B 334 -17.22 -21.58 6.59
C VAL B 334 -16.53 -22.75 5.86
N GLN B 335 -16.84 -22.93 4.60
CA GLN B 335 -16.17 -23.98 3.82
C GLN B 335 -14.65 -23.81 3.80
N GLY B 336 -14.16 -22.56 3.68
CA GLY B 336 -12.72 -22.32 3.75
C GLY B 336 -12.13 -22.83 5.06
N LEU B 337 -12.83 -22.58 6.18
CA LEU B 337 -12.32 -23.06 7.46
C LEU B 337 -12.36 -24.58 7.53
N LYS B 338 -13.48 -25.19 7.10
CA LYS B 338 -13.56 -26.64 7.06
C LYS B 338 -12.41 -27.25 6.27
N MET B 339 -12.12 -26.68 5.08
CA MET B 339 -11.00 -27.20 4.28
C MET B 339 -9.68 -27.05 5.01
N ALA B 340 -9.43 -25.88 5.61
CA ALA B 340 -8.13 -25.69 6.26
C ALA B 340 -7.95 -26.65 7.43
N PHE B 341 -8.99 -26.82 8.24
CA PHE B 341 -8.82 -27.69 9.40
C PHE B 341 -8.75 -29.15 9.00
N ASP B 342 -9.43 -29.52 7.92
CA ASP B 342 -9.31 -30.88 7.41
C ASP B 342 -7.88 -31.16 6.97
N ARG B 343 -7.29 -30.26 6.18
CA ARG B 343 -5.92 -30.44 5.70
C ARG B 343 -4.93 -30.47 6.86
N LEU B 344 -5.14 -29.64 7.88
CA LEU B 344 -4.24 -29.62 9.02
C LEU B 344 -4.36 -30.86 9.92
N SER B 345 -5.31 -31.75 9.69
CA SER B 345 -5.43 -32.91 10.57
C SER B 345 -4.90 -34.20 9.93
N PRO B 360 -5.18 -33.62 17.03
CA PRO B 360 -4.38 -32.40 17.15
C PRO B 360 -5.19 -31.12 16.93
N GLU B 361 -6.50 -31.14 17.18
CA GLU B 361 -7.37 -29.97 17.06
C GLU B 361 -8.50 -30.06 18.08
N ALA B 362 -9.09 -28.91 18.39
CA ALA B 362 -10.17 -28.85 19.38
C ALA B 362 -11.42 -29.59 18.88
N ASP B 363 -12.25 -30.00 19.85
CA ASP B 363 -13.50 -30.70 19.56
C ASP B 363 -14.49 -29.80 18.84
N ARG B 364 -14.95 -28.75 19.50
CA ARG B 364 -15.85 -27.78 18.90
C ARG B 364 -15.09 -26.49 18.63
N ILE B 365 -15.28 -25.93 17.44
CA ILE B 365 -14.69 -24.63 17.09
C ILE B 365 -15.85 -23.66 16.88
N TYR B 366 -15.91 -22.62 17.70
CA TYR B 366 -17.01 -21.69 17.64
C TYR B 366 -16.66 -20.56 16.65
N LEU B 367 -17.71 -19.98 16.05
CA LEU B 367 -17.56 -19.00 14.96
C LEU B 367 -18.44 -17.78 15.19
N GLY B 368 -17.88 -16.58 14.96
CA GLY B 368 -18.73 -15.42 15.09
C GLY B 368 -18.25 -14.28 14.23
N SER B 369 -18.79 -13.09 14.48
CA SER B 369 -18.54 -11.94 13.62
C SER B 369 -18.93 -10.73 14.44
N ASN B 370 -18.40 -9.57 14.09
CA ASN B 370 -18.79 -8.34 14.74
C ASN B 370 -19.56 -7.43 13.78
N LYS B 371 -19.73 -7.83 12.53
CA LYS B 371 -20.34 -6.94 11.56
C LYS B 371 -21.86 -6.83 11.75
N GLY B 372 -22.46 -7.70 12.58
CA GLY B 372 -23.84 -7.43 12.95
C GLY B 372 -23.98 -6.41 14.07
N ASN B 373 -22.89 -6.06 14.75
CA ASN B 373 -22.87 -5.04 15.80
C ASN B 373 -22.57 -3.67 15.21
N CYS B 374 -21.48 -3.59 14.43
CA CYS B 374 -20.93 -2.30 14.05
C CYS B 374 -20.99 -2.08 12.53
N GLY B 375 -21.60 -2.98 11.79
CA GLY B 375 -21.59 -2.89 10.34
C GLY B 375 -20.23 -3.33 9.82
N ASN B 376 -20.09 -3.22 8.49
CA ASN B 376 -18.84 -3.54 7.79
C ASN B 376 -18.06 -2.24 7.59
N THR B 377 -17.02 -2.06 8.41
CA THR B 377 -16.20 -0.85 8.39
C THR B 377 -15.11 -0.93 7.30
N GLU B 378 -15.23 -1.88 6.38
CA GLU B 378 -14.53 -1.85 5.08
C GLU B 378 -13.03 -1.96 5.35
N ALA B 379 -12.19 -1.01 4.88
CA ALA B 379 -10.74 -1.11 5.11
C ALA B 379 -10.41 -1.25 6.58
N ALA B 380 -11.22 -0.69 7.48
CA ALA B 380 -10.92 -0.77 8.90
C ALA B 380 -11.40 -2.07 9.57
N SER B 381 -12.16 -2.91 8.87
CA SER B 381 -12.92 -3.99 9.54
C SER B 381 -12.02 -5.03 10.22
N GLY B 382 -10.85 -5.33 9.63
CA GLY B 382 -9.98 -6.29 10.23
C GLY B 382 -9.43 -5.85 11.57
N LEU B 383 -9.27 -4.55 11.75
CA LEU B 383 -8.78 -4.05 13.05
C LEU B 383 -9.87 -4.16 14.10
N LEU B 384 -11.13 -3.93 13.71
CA LEU B 384 -12.23 -4.20 14.65
C LEU B 384 -12.15 -5.64 15.12
N SER B 385 -12.04 -6.57 14.19
CA SER B 385 -12.01 -7.98 14.55
C SER B 385 -10.81 -8.31 15.43
N LEU B 386 -9.62 -7.77 15.10
CA LEU B 386 -8.44 -8.01 15.90
C LEU B 386 -8.59 -7.46 17.32
N ILE B 387 -9.24 -6.32 17.46
CA ILE B 387 -9.42 -5.75 18.78
C ILE B 387 -10.41 -6.58 19.58
N LYS B 388 -11.53 -6.99 18.96
CA LYS B 388 -12.46 -7.88 19.67
C LYS B 388 -11.79 -9.17 20.12
N ALA B 389 -11.00 -9.80 19.22
CA ALA B 389 -10.34 -11.04 19.57
C ALA B 389 -9.33 -10.82 20.70
N SER B 390 -8.60 -9.69 20.65
CA SER B 390 -7.62 -9.35 21.69
C SER B 390 -8.31 -9.17 23.04
N MET B 391 -9.40 -8.41 23.04
CA MET B 391 -10.17 -8.24 24.28
C MET B 391 -10.73 -9.56 24.81
N ALA B 392 -11.22 -10.43 23.92
CA ALA B 392 -11.77 -11.70 24.38
C ALA B 392 -10.71 -12.55 25.07
N LEU B 393 -9.52 -12.63 24.48
CA LEU B 393 -8.42 -13.36 25.10
C LEU B 393 -8.01 -12.74 26.44
N ASN B 394 -7.91 -11.43 26.49
CA ASN B 394 -7.50 -10.71 27.68
C ASN B 394 -8.50 -10.91 28.81
N LEU B 395 -9.78 -10.82 28.48
CA LEU B 395 -10.85 -10.96 29.49
C LEU B 395 -11.36 -12.38 29.70
N GLY B 396 -10.97 -13.35 28.87
CA GLY B 396 -11.38 -14.73 29.08
C GLY B 396 -12.77 -15.10 28.61
N VAL B 397 -13.37 -14.30 27.72
CA VAL B 397 -14.72 -14.58 27.22
C VAL B 397 -14.87 -13.96 25.84
N VAL B 398 -15.54 -14.68 24.95
CA VAL B 398 -15.87 -14.20 23.61
C VAL B 398 -17.31 -13.69 23.60
N PRO B 399 -17.55 -12.44 23.22
CA PRO B 399 -18.94 -11.98 23.04
C PRO B 399 -19.60 -12.73 21.91
N PRO B 400 -20.90 -12.99 22.02
CA PRO B 400 -21.61 -13.74 20.96
C PRO B 400 -21.98 -12.85 19.77
N LEU B 401 -22.50 -13.53 18.75
CA LEU B 401 -23.28 -12.83 17.73
C LEU B 401 -24.43 -12.10 18.43
N PRO B 402 -24.81 -10.93 17.94
CA PRO B 402 -25.85 -10.17 18.65
C PRO B 402 -27.20 -10.86 18.61
N ASN B 403 -27.56 -11.52 17.49
CA ASN B 403 -28.91 -12.16 17.47
C ASN B 403 -28.94 -13.33 16.48
N LEU B 404 -28.31 -14.42 16.89
CA LEU B 404 -28.30 -15.62 16.08
C LEU B 404 -29.66 -16.29 16.24
N ALA B 405 -30.36 -16.50 15.13
CA ALA B 405 -31.59 -17.31 15.16
C ALA B 405 -31.28 -18.69 14.58
N GLU B 406 -31.80 -19.05 13.37
CA GLU B 406 -31.44 -20.35 12.81
C GLU B 406 -30.12 -20.23 12.04
N PRO B 407 -29.20 -21.17 12.18
CA PRO B 407 -28.00 -21.15 11.34
C PRO B 407 -28.36 -21.20 9.86
N ASN B 408 -27.55 -20.51 9.04
CA ASN B 408 -27.66 -20.55 7.59
C ASN B 408 -27.48 -21.98 7.09
N PRO B 409 -28.49 -22.60 6.45
CA PRO B 409 -28.34 -24.00 6.02
C PRO B 409 -27.18 -24.20 5.07
N LYS B 410 -26.86 -23.17 4.29
CA LYS B 410 -25.79 -23.28 3.30
C LYS B 410 -24.45 -23.50 3.96
N CYS B 411 -24.30 -23.13 5.23
CA CYS B 411 -23.05 -23.36 5.93
C CYS B 411 -22.87 -24.81 6.36
N GLU B 412 -23.97 -25.57 6.48
CA GLU B 412 -23.88 -27.01 6.74
C GLU B 412 -23.13 -27.30 8.03
N PHE B 413 -23.54 -26.63 9.11
CA PHE B 413 -22.82 -26.76 10.35
C PHE B 413 -22.98 -28.14 10.94
N GLU B 414 -24.14 -28.77 10.70
CA GLU B 414 -24.49 -30.00 11.40
C GLU B 414 -23.49 -31.10 11.11
N GLU B 415 -23.18 -31.90 12.13
CA GLU B 415 -22.27 -33.02 11.99
C GLU B 415 -20.82 -32.58 11.76
N THR B 416 -20.51 -31.30 11.97
CA THR B 416 -19.14 -30.80 11.91
C THR B 416 -18.77 -30.19 13.25
N LYS B 417 -17.47 -29.96 13.42
CA LYS B 417 -16.97 -29.37 14.66
C LYS B 417 -17.34 -27.90 14.79
N PHE B 418 -17.85 -27.29 13.73
CA PHE B 418 -18.07 -25.84 13.74
C PHE B 418 -19.49 -25.48 14.14
N GLU B 419 -19.59 -24.39 14.89
CA GLU B 419 -20.92 -23.87 15.13
C GLU B 419 -20.90 -22.37 15.40
N PRO B 420 -21.96 -21.68 14.99
CA PRO B 420 -22.05 -20.23 15.23
C PRO B 420 -22.32 -19.93 16.68
N LEU B 421 -21.70 -18.85 17.17
CA LEU B 421 -21.66 -18.54 18.59
C LEU B 421 -22.83 -17.64 18.94
N GLY B 422 -23.85 -18.25 19.61
CA GLY B 422 -25.02 -17.46 19.98
C GLY B 422 -25.07 -17.00 21.44
N LYS B 423 -24.18 -17.52 22.29
CA LYS B 423 -24.05 -17.07 23.68
C LYS B 423 -22.57 -16.88 23.97
N GLN B 424 -22.26 -16.12 25.03
CA GLN B 424 -20.86 -15.92 25.43
C GLN B 424 -20.13 -17.24 25.58
N LEU B 425 -18.85 -17.22 25.23
CA LEU B 425 -17.97 -18.40 25.27
C LEU B 425 -16.85 -18.16 26.27
N ALA B 426 -16.83 -18.95 27.35
CA ALA B 426 -15.74 -18.84 28.31
C ALA B 426 -14.49 -19.48 27.71
N LEU B 427 -13.36 -18.77 27.83
CA LEU B 427 -12.09 -19.22 27.29
C LEU B 427 -11.18 -19.76 28.38
N ALA B 428 -10.51 -20.86 28.09
CA ALA B 428 -9.44 -21.34 28.95
C ALA B 428 -8.15 -20.60 28.60
N PRO B 429 -7.22 -20.47 29.55
CA PRO B 429 -6.03 -19.66 29.29
C PRO B 429 -5.23 -20.07 28.05
N GLY B 430 -5.25 -21.36 27.69
CA GLY B 430 -4.53 -21.87 26.55
C GLY B 430 -5.27 -21.77 25.23
N ASP B 431 -6.51 -21.28 25.24
CA ASP B 431 -7.26 -21.27 23.98
C ASP B 431 -6.70 -20.20 23.04
N ARG B 432 -6.70 -20.54 21.75
CA ARG B 432 -6.29 -19.63 20.69
C ARG B 432 -7.53 -19.15 19.95
N VAL B 433 -7.42 -17.97 19.33
CA VAL B 433 -8.51 -17.37 18.56
C VAL B 433 -7.92 -17.03 17.20
N GLY B 434 -8.63 -17.39 16.14
CA GLY B 434 -8.26 -16.95 14.80
C GLY B 434 -9.10 -15.76 14.34
N VAL B 435 -8.57 -14.99 13.39
CA VAL B 435 -9.24 -13.77 12.91
C VAL B 435 -9.07 -13.75 11.40
N THR B 436 -10.16 -13.56 10.63
CA THR B 436 -10.07 -13.49 9.16
C THR B 436 -10.58 -12.16 8.65
N SER B 437 -9.94 -11.66 7.57
CA SER B 437 -10.51 -10.56 6.80
C SER B 437 -10.34 -10.87 5.32
N LEU B 438 -11.35 -10.48 4.52
CA LEU B 438 -11.38 -10.77 3.09
C LEU B 438 -11.56 -9.47 2.33
N GLY B 439 -10.85 -9.31 1.20
CA GLY B 439 -10.99 -8.13 0.36
C GLY B 439 -11.39 -8.45 -1.06
N TYR B 440 -12.15 -7.53 -1.65
CA TYR B 440 -12.58 -7.61 -3.03
C TYR B 440 -11.44 -7.95 -3.96
N GLY B 441 -11.74 -8.85 -4.92
CA GLY B 441 -10.73 -9.31 -5.87
C GLY B 441 -9.98 -10.53 -5.43
N GLY B 442 -10.05 -10.88 -4.17
CA GLY B 442 -9.48 -12.12 -3.66
C GLY B 442 -8.38 -11.99 -2.65
N SER B 443 -8.23 -10.84 -1.95
CA SER B 443 -7.16 -10.78 -0.96
C SER B 443 -7.65 -11.36 0.36
N ASN B 444 -6.80 -12.16 1.00
CA ASN B 444 -7.12 -12.88 2.24
C ASN B 444 -6.13 -12.56 3.35
N ALA B 445 -6.56 -12.73 4.59
CA ALA B 445 -5.67 -12.52 5.73
C ALA B 445 -6.22 -13.35 6.89
N HIS B 446 -5.31 -13.99 7.62
CA HIS B 446 -5.71 -14.71 8.84
C HIS B 446 -4.64 -14.49 9.91
N VAL B 447 -5.09 -14.29 11.16
CA VAL B 447 -4.21 -14.01 12.28
C VAL B 447 -4.59 -14.98 13.39
N VAL B 448 -3.59 -15.56 14.04
CA VAL B 448 -3.84 -16.46 15.18
C VAL B 448 -3.33 -15.73 16.41
N LEU B 449 -4.20 -15.55 17.43
CA LEU B 449 -3.83 -14.81 18.64
C LEU B 449 -3.98 -15.70 19.87
N ALA B 450 -3.21 -15.37 20.88
CA ALA B 450 -3.20 -16.11 22.14
C ALA B 450 -3.09 -15.14 23.31
N SER B 451 -3.43 -15.63 24.50
CA SER B 451 -3.39 -14.78 25.68
C SER B 451 -1.96 -14.44 26.09
N ALA B 452 -1.79 -13.21 26.56
CA ALA B 452 -0.50 -12.75 27.05
C ALA B 452 0.01 -13.62 28.19
N GLN B 453 -0.90 -14.23 28.93
CA GLN B 453 -0.47 -14.98 30.10
C GLN B 453 0.25 -16.27 29.75
N LEU B 454 0.24 -16.70 28.47
CA LEU B 454 1.06 -17.85 28.12
C LEU B 454 2.52 -17.52 27.86
N PHE B 455 2.87 -16.25 27.73
CA PHE B 455 4.16 -15.90 27.14
C PHE B 455 5.11 -15.22 28.12
N GLY B 456 4.81 -15.26 29.41
CA GLY B 456 5.75 -14.74 30.37
C GLY B 456 5.92 -13.24 30.28
N VAL B 457 4.84 -12.52 29.99
CA VAL B 457 4.83 -11.07 30.04
C VAL B 457 3.63 -10.66 30.87
N GLU B 458 3.69 -9.46 31.43
CA GLU B 458 2.57 -8.94 32.20
C GLU B 458 1.42 -8.55 31.28
N GLN B 459 0.21 -8.96 31.65
CA GLN B 459 -0.97 -8.63 30.84
C GLN B 459 -1.37 -7.19 31.08
N LYS B 460 -1.69 -6.48 30.00
CA LYS B 460 -2.15 -5.09 30.08
C LYS B 460 -3.68 -5.09 30.12
N ALA B 461 -4.24 -4.19 30.93
CA ALA B 461 -5.70 -4.09 31.08
C ALA B 461 -6.28 -3.14 30.04
N PHE B 462 -7.37 -3.54 29.41
CA PHE B 462 -8.02 -2.64 28.45
C PHE B 462 -8.80 -1.54 29.17
N PHE B 463 -9.31 -1.82 30.36
CA PHE B 463 -10.01 -0.80 31.13
C PHE B 463 -10.05 -1.25 32.57
C1 GOL C . -1.09 14.59 -19.05
O1 GOL C . -1.82 13.76 -19.90
C2 GOL C . -2.11 15.15 -17.97
O2 GOL C . -2.61 16.37 -18.38
C3 GOL C . -1.25 15.21 -16.72
O3 GOL C . -2.00 15.72 -15.66
H11 GOL C . -0.37 14.12 -18.60
H12 GOL C . -0.68 15.33 -19.53
HO1 GOL C . -1.28 13.51 -20.51
H2 GOL C . -2.89 14.59 -17.82
HO2 GOL C . -3.19 16.62 -17.81
H31 GOL C . -0.92 14.32 -16.55
H32 GOL C . -0.48 15.75 -16.92
HO3 GOL C . -2.20 16.52 -15.85
S SO4 D . -5.28 -24.33 29.96
O1 SO4 D . -6.11 -23.60 29.00
O2 SO4 D . -6.19 -24.86 30.98
O3 SO4 D . -4.57 -25.43 29.33
O4 SO4 D . -4.31 -23.38 30.51
#